data_9K3K
#
_entry.id   9K3K
#
_cell.length_a   1.00
_cell.length_b   1.00
_cell.length_c   1.00
_cell.angle_alpha   90.00
_cell.angle_beta   90.00
_cell.angle_gamma   90.00
#
_symmetry.space_group_name_H-M   'P 1'
#
loop_
_entity.id
_entity.type
_entity.pdbx_description
1 polymer 'Melanocortin receptor 4,Melanocortin receptor 4,Melanocortin receptor 4,LgBiT subunit'
2 polymer 'Guanine nucleotide-binding protein G(i) subunit alpha-1,Guanine nucleotide-binding protein G(s) subunit alpha isoforms short'
3 polymer 'Guanine nucleotide-binding protein G(I)/G(S)/G(T) subunit beta-1,Guanine nucleotide-binding protein G(I)/G(S)/G(T) subunit beta-1,Guanine nucleotide-binding protein G(I)/G(S)/G(T) subunit beta-1,HiBiT'
4 polymer 'Guanine nucleotide-binding protein G(I)/G(S)/G(O) subunit gamma-2'
5 polymer Nb35
6 polymer scFv16
#
loop_
_entity_poly.entity_id
_entity_poly.type
_entity_poly.pdbx_seq_one_letter_code
_entity_poly.pdbx_strand_id
1 'polypeptide(L)'
;MVNSTHRGMHTSLHLWNRSSYRLHSNASESLGKGYSDGGCYEQLFVSPEVFVTLGVISLLENILVIVAIAKNKNLHSPMY
FFICSLAVADMLVSVSNGSETIVITLLNSTDTDAQSFTVNIDNVIDSVICSSLLASICSLLSIAVDRYFTIFYALQYHNI
MTVKRVGIIISCIWAACTVSGILFIIYSDSSAVIICLITMFFTMLALMASLYVHMFLMARLHIKRIAVLPGTGAIRQGAN
MKGAITLTILIGVFVVCWAPFFLHLIFYISCPQNPYCVCFMSHFNLYLILIMCNSIIDPLIYALRSQELRKTFKEIICCY
PLGGLCDLSSRYGSSGGGGSGGGGSSGVFTLEDFVGDWEQTAAYNLDQVLEQGGVSSLLQNLAVSVTPIQRIVRSGENAL
KIDIHVIIPYEGLSADQMAQIEEVFKVVYPVDDHHFKVILPYGTLVIDGVTPNMLNYFGRPYEGIAVFDGKKITVTGTLW
NGNKIIDERLITPDGSMLFRVTINS
;
R
2 'polypeptide(L)'
;MGCTLSAEDKAAVERSKMIEKQLQKDKQVYRATHRLLLLGADNSGKSTIVKQMRIYHVNGYSEEECKQYKAVVYSNTIQS
IIAIIRAMGRLKIDFGDSARADDARQLFVLAGAAEEGFMTAELAGVIKRLWKDSGVQACFNRSREYQLNDSAAYYLNDLD
RIAQPNYIPTQQDVLRTRVKTSGIFETKFQVDKVNFHMFDVGAQRDERRKWIQCFNDVTAIIFVVDSSDYNRLQEALNDF
KSIWNNRWLRTISVILFLNKQDLLAEKVLAGKSKIEDYFPEFARYTTPEDATPEPGEDPRVTRAKYFIRDEFLRISTASG
DGRHYCYPHFTCSVDTENARRIFNDCRDIIQRMHLRQYELL
;
A
3 'polypeptide(L)'
;MGSLLQSELDQLRQEAEQLKNQIRDARKACADATLSQITNNIDPVGRIQMRTRRTLRGHLAKIYAMHWGTDSRLLVSASQ
DGKLIIWDSYTTNKVHAIPLRSSWVMTCAYAPSGNYVACGGLDNICSIYNLKTREGNVRVSRELAGHTGYLSCCRFLDDN
QIVTSSGDTTCALWDIETGQQTTTFTGHTGDVMSLSLAPDTRLFVSGACDASAKLWDVREGMCRQTFTGHESDINAICFF
PNGNAFATGSDDATCRLFDLRADQELMTYSHDNIICGITSVSFSKSGRLLLAGYDDFNCNVWDALKADRAGVLAGHDNRV
SCLGVTDDGMAVATGSWDSFLKIWNGSSGGGGSGGGGSSGVSGWRLFKKIS
;
B
4 'polypeptide(L)' MASNNTASIAQARKLVEQLKMEANIDRIKVSKAAADLMAYCEAHAKEDPLLTPVPASENPFREKKFFCAIL G
5 'polypeptide(L)'
;MKYLLPTAAAGLLLLAAQPAMAQVQLQESGGGLVQPGGSLRLSCAASGFTFSNYKMNWVRQAPGKGLEWVSDISQSGASI
SYTGSVKGRFTISRDNAKNTLYLQMNSLKPEDTAVYYCARCPAPFTRDCFDVTSTTYAYRGQGTQVTVSSHHHHHHEPEA
;
N
6 'polypeptide(L)'
;MLLVNQSHQGFNKEHTSKMVSAIVLYVLLAAAAHSAFAVQLVESGGGLVQPGGSRKLSCSASGFAFSSFGMHWVRQAPEK
GLEWVAYISSGSGTIYYADTVKGRFTISRDDPKNTLFLQMTSLRSEDTAMYYCVRSIYYYGSSPFDFWGQGTTLTVSAGG
GGSGGGGSGGGGSADIVMTQATSSVPVTPGESVSISCRSSKSLLHSNGNTYLYWFLQRPGQSPQLLIYRMSNLASGVPDR
FSGSGSGTAFTLTISRLEAEDVGVYYCMQHLEYPLTFGAGTKLEL
;
S
#
# COMPACT_ATOMS: atom_id res chain seq x y z
N TYR A 35 -4.68 -53.30 2.66
CA TYR A 35 -4.21 -54.61 2.22
C TYR A 35 -5.36 -55.46 1.69
N SER A 36 -5.04 -56.64 1.19
CA SER A 36 -6.08 -57.53 0.64
C SER A 36 -5.63 -58.98 0.61
N ASP A 37 -4.43 -59.23 0.09
CA ASP A 37 -3.93 -60.60 0.01
C ASP A 37 -4.98 -61.55 -0.53
N GLY A 38 -5.52 -62.41 0.33
CA GLY A 38 -6.54 -63.35 -0.10
C GLY A 38 -6.14 -64.05 -1.38
N GLY A 39 -6.80 -63.76 -2.49
CA GLY A 39 -6.37 -64.34 -3.75
C GLY A 39 -4.89 -64.11 -4.00
N CYS A 40 -4.09 -65.15 -4.15
CA CYS A 40 -2.66 -64.88 -4.30
C CYS A 40 -2.30 -64.53 -5.74
N TYR A 41 -3.31 -64.16 -6.52
CA TYR A 41 -3.07 -63.78 -7.91
C TYR A 41 -2.76 -62.30 -8.01
N GLU A 42 -1.93 -61.93 -8.97
CA GLU A 42 -1.60 -60.53 -9.17
C GLU A 42 -2.86 -59.71 -9.31
N GLN A 43 -2.83 -58.47 -8.81
CA GLN A 43 -4.01 -57.61 -8.88
C GLN A 43 -4.20 -57.07 -10.28
N LEU A 44 -4.34 -57.96 -11.25
CA LEU A 44 -4.49 -57.51 -12.63
C LEU A 44 -5.93 -57.13 -12.93
N PHE A 45 -6.80 -57.24 -11.94
CA PHE A 45 -8.18 -56.81 -12.13
C PHE A 45 -8.13 -55.30 -12.09
N VAL A 46 -7.33 -54.71 -12.97
CA VAL A 46 -7.16 -53.27 -12.95
C VAL A 46 -7.30 -52.72 -14.36
N SER A 47 -8.50 -52.29 -14.69
CA SER A 47 -8.78 -51.77 -16.02
C SER A 47 -8.07 -50.43 -16.20
N PRO A 48 -7.23 -50.27 -17.23
CA PRO A 48 -6.51 -49.00 -17.39
C PRO A 48 -7.44 -47.79 -17.50
N GLU A 49 -8.74 -48.04 -17.62
CA GLU A 49 -9.70 -46.94 -17.59
C GLU A 49 -9.65 -46.20 -16.26
N VAL A 50 -9.59 -46.94 -15.15
CA VAL A 50 -9.55 -46.28 -13.84
C VAL A 50 -8.21 -45.57 -13.64
N PHE A 51 -7.12 -46.16 -14.12
CA PHE A 51 -5.83 -45.49 -14.04
C PHE A 51 -5.84 -44.19 -14.82
N VAL A 52 -6.40 -44.21 -16.03
CA VAL A 52 -6.49 -43.00 -16.83
C VAL A 52 -7.37 -41.97 -16.13
N THR A 53 -8.49 -42.40 -15.55
CA THR A 53 -9.38 -41.47 -14.87
C THR A 53 -8.69 -40.81 -13.69
N LEU A 54 -8.03 -41.60 -12.85
CA LEU A 54 -7.33 -41.05 -11.69
C LEU A 54 -6.19 -40.14 -12.11
N GLY A 55 -5.44 -40.54 -13.14
CA GLY A 55 -4.35 -39.69 -13.60
C GLY A 55 -4.83 -38.38 -14.18
N VAL A 56 -5.94 -38.41 -14.92
CA VAL A 56 -6.50 -37.19 -15.47
C VAL A 56 -7.01 -36.29 -14.35
N ILE A 57 -7.64 -36.87 -13.34
CA ILE A 57 -8.11 -36.06 -12.21
C ILE A 57 -6.93 -35.41 -11.50
N SER A 58 -5.87 -36.18 -11.26
CA SER A 58 -4.68 -35.63 -10.62
C SER A 58 -4.05 -34.52 -11.47
N LEU A 59 -3.95 -34.75 -12.79
CA LEU A 59 -3.38 -33.74 -13.67
C LEU A 59 -4.20 -32.46 -13.63
N LEU A 60 -5.53 -32.59 -13.70
CA LEU A 60 -6.39 -31.42 -13.66
C LEU A 60 -6.21 -30.66 -12.34
N GLU A 61 -6.23 -31.38 -11.23
CA GLU A 61 -6.14 -30.72 -9.92
C GLU A 61 -4.80 -30.03 -9.74
N ASN A 62 -3.70 -30.68 -10.13
CA ASN A 62 -2.39 -30.09 -9.92
C ASN A 62 -2.12 -28.95 -10.89
N ILE A 63 -2.57 -29.06 -12.14
CA ILE A 63 -2.44 -27.94 -13.06
C ILE A 63 -3.26 -26.77 -12.57
N LEU A 64 -4.46 -27.04 -12.04
CA LEU A 64 -5.30 -25.97 -11.53
C LEU A 64 -4.65 -25.27 -10.34
N VAL A 65 -4.06 -26.03 -9.42
CA VAL A 65 -3.43 -25.40 -8.26
C VAL A 65 -2.18 -24.64 -8.68
N ILE A 66 -1.41 -25.15 -9.64
CA ILE A 66 -0.18 -24.45 -10.02
C ILE A 66 -0.51 -23.17 -10.77
N VAL A 67 -1.53 -23.18 -11.63
CA VAL A 67 -1.89 -21.94 -12.30
C VAL A 67 -2.49 -20.95 -11.32
N ALA A 68 -3.23 -21.43 -10.32
CA ALA A 68 -3.75 -20.53 -9.29
C ALA A 68 -2.61 -19.89 -8.51
N ILE A 69 -1.58 -20.66 -8.17
CA ILE A 69 -0.44 -20.11 -7.43
C ILE A 69 0.30 -19.08 -8.29
N ALA A 70 0.62 -19.45 -9.52
CA ALA A 70 1.42 -18.57 -10.38
C ALA A 70 0.64 -17.34 -10.85
N LYS A 71 -0.69 -17.39 -10.82
CA LYS A 71 -1.50 -16.28 -11.30
C LYS A 71 -1.87 -15.30 -10.20
N ASN A 72 -1.58 -15.62 -8.94
CA ASN A 72 -1.88 -14.73 -7.81
C ASN A 72 -0.55 -14.22 -7.27
N LYS A 73 -0.16 -13.02 -7.71
CA LYS A 73 1.12 -12.46 -7.32
C LYS A 73 1.21 -12.23 -5.81
N ASN A 74 0.05 -12.11 -5.14
CA ASN A 74 0.07 -11.88 -3.70
C ASN A 74 0.65 -13.06 -2.94
N LEU A 75 0.60 -14.26 -3.52
CA LEU A 75 1.10 -15.47 -2.88
C LEU A 75 2.41 -15.89 -3.56
N HIS A 76 3.51 -15.36 -3.04
CA HIS A 76 4.85 -15.74 -3.50
C HIS A 76 5.75 -16.06 -2.31
N SER A 77 5.16 -16.43 -1.19
CA SER A 77 5.92 -16.79 -0.01
C SER A 77 6.60 -18.15 -0.21
N PRO A 78 7.60 -18.48 0.61
CA PRO A 78 8.25 -19.79 0.50
C PRO A 78 7.30 -20.97 0.54
N MET A 79 6.28 -20.92 1.41
CA MET A 79 5.40 -22.06 1.57
C MET A 79 4.67 -22.38 0.28
N TYR A 80 4.25 -21.35 -0.44
CA TYR A 80 3.55 -21.59 -1.69
C TYR A 80 4.49 -22.06 -2.80
N PHE A 81 5.77 -21.68 -2.75
CA PHE A 81 6.75 -22.29 -3.65
C PHE A 81 6.95 -23.77 -3.36
N PHE A 82 6.96 -24.14 -2.09
CA PHE A 82 7.07 -25.55 -1.75
C PHE A 82 5.82 -26.31 -2.18
N ILE A 83 4.65 -25.67 -2.08
CA ILE A 83 3.42 -26.27 -2.58
C ILE A 83 3.50 -26.42 -4.10
N CYS A 84 4.09 -25.43 -4.78
CA CYS A 84 4.41 -25.55 -6.20
C CYS A 84 5.21 -26.81 -6.49
N SER A 85 6.29 -27.02 -5.75
CA SER A 85 7.13 -28.19 -5.98
C SER A 85 6.37 -29.48 -5.73
N LEU A 86 5.54 -29.50 -4.68
CA LEU A 86 4.75 -30.70 -4.39
C LEU A 86 3.76 -30.98 -5.51
N ALA A 87 3.11 -29.94 -6.04
CA ALA A 87 2.18 -30.13 -7.14
C ALA A 87 2.89 -30.68 -8.37
N VAL A 88 4.07 -30.14 -8.70
CA VAL A 88 4.83 -30.64 -9.83
C VAL A 88 5.19 -32.10 -9.62
N ALA A 89 5.68 -32.45 -8.43
CA ALA A 89 6.08 -33.83 -8.16
C ALA A 89 4.90 -34.78 -8.24
N ASP A 90 3.75 -34.38 -7.71
CA ASP A 90 2.58 -35.25 -7.76
C ASP A 90 2.09 -35.43 -9.19
N MET A 91 2.10 -34.35 -9.98
CA MET A 91 1.75 -34.46 -11.38
C MET A 91 2.68 -35.42 -12.12
N LEU A 92 3.99 -35.32 -11.84
CA LEU A 92 4.94 -36.22 -12.46
C LEU A 92 4.71 -37.67 -12.05
N VAL A 93 4.39 -37.90 -10.78
CA VAL A 93 4.08 -39.26 -10.33
C VAL A 93 2.89 -39.81 -11.10
N SER A 94 1.83 -39.00 -11.21
CA SER A 94 0.63 -39.47 -11.90
C SER A 94 0.92 -39.76 -13.38
N VAL A 95 1.65 -38.87 -14.04
CA VAL A 95 1.99 -39.07 -15.44
C VAL A 95 2.82 -40.34 -15.60
N SER A 96 3.81 -40.53 -14.73
CA SER A 96 4.68 -41.70 -14.84
C SER A 96 3.89 -42.99 -14.67
N ASN A 97 3.05 -43.06 -13.64
CA ASN A 97 2.29 -44.29 -13.39
C ASN A 97 1.33 -44.57 -14.54
N GLY A 98 0.58 -43.55 -14.96
CA GLY A 98 -0.35 -43.74 -16.07
C GLY A 98 0.36 -44.15 -17.34
N SER A 99 1.49 -43.52 -17.63
CA SER A 99 2.24 -43.84 -18.84
C SER A 99 2.76 -45.26 -18.81
N GLU A 100 3.29 -45.71 -17.66
CA GLU A 100 3.79 -47.07 -17.58
C GLU A 100 2.68 -48.09 -17.76
N THR A 101 1.54 -47.86 -17.10
CA THR A 101 0.41 -48.78 -17.25
C THR A 101 -0.12 -48.79 -18.67
N ILE A 102 -0.22 -47.63 -19.30
CA ILE A 102 -0.71 -47.56 -20.67
C ILE A 102 0.27 -48.23 -21.62
N VAL A 103 1.57 -48.07 -21.37
CA VAL A 103 2.57 -48.69 -22.23
C VAL A 103 2.49 -50.20 -22.14
N ILE A 104 2.37 -50.76 -20.92
CA ILE A 104 2.28 -52.21 -20.81
C ILE A 104 0.97 -52.72 -21.40
N THR A 105 -0.12 -51.98 -21.23
CA THR A 105 -1.39 -52.38 -21.82
C THR A 105 -1.32 -52.38 -23.35
N LEU A 106 -0.69 -51.35 -23.93
CA LEU A 106 -0.56 -51.29 -25.38
C LEU A 106 0.36 -52.38 -25.90
N LEU A 107 1.43 -52.68 -25.16
CA LEU A 107 2.31 -53.79 -25.55
C LEU A 107 1.56 -55.11 -25.55
N SER A 116 15.30 -50.46 -30.18
CA SER A 116 14.02 -51.14 -30.07
C SER A 116 12.94 -50.18 -29.57
N PHE A 117 11.81 -50.74 -29.16
CA PHE A 117 10.69 -49.94 -28.66
C PHE A 117 10.23 -50.37 -27.28
N THR A 118 10.96 -51.27 -26.61
CA THR A 118 10.62 -51.74 -25.28
C THR A 118 11.63 -51.32 -24.23
N VAL A 119 12.91 -51.64 -24.43
CA VAL A 119 13.95 -51.23 -23.50
C VAL A 119 14.28 -49.75 -23.60
N ASN A 120 13.86 -49.08 -24.67
CA ASN A 120 14.06 -47.65 -24.82
C ASN A 120 12.96 -46.83 -24.14
N ILE A 121 11.87 -47.47 -23.70
CA ILE A 121 10.77 -46.78 -23.03
C ILE A 121 10.63 -47.23 -21.58
N ASP A 122 10.75 -48.53 -21.31
CA ASP A 122 10.76 -49.02 -19.94
C ASP A 122 12.17 -48.99 -19.39
N ASN A 123 12.80 -47.84 -19.62
CA ASN A 123 14.07 -47.45 -19.01
C ASN A 123 14.00 -46.01 -18.56
N VAL A 124 13.07 -45.22 -19.10
CA VAL A 124 12.83 -43.85 -18.69
C VAL A 124 11.54 -43.81 -17.90
N ILE A 125 10.57 -44.66 -18.25
CA ILE A 125 9.35 -44.73 -17.44
C ILE A 125 9.59 -45.49 -16.14
N ASP A 126 10.71 -46.19 -16.02
CA ASP A 126 11.11 -46.79 -14.75
C ASP A 126 12.07 -45.91 -13.97
N SER A 127 12.37 -44.71 -14.49
CA SER A 127 13.15 -43.72 -13.78
C SER A 127 12.36 -42.49 -13.38
N VAL A 128 11.36 -42.09 -14.17
CA VAL A 128 10.50 -40.98 -13.80
C VAL A 128 9.42 -41.47 -12.85
N ILE A 129 9.43 -42.77 -12.56
CA ILE A 129 8.60 -43.35 -11.51
C ILE A 129 9.38 -43.53 -10.22
N CYS A 130 10.69 -43.44 -10.27
CA CYS A 130 11.52 -43.51 -9.08
C CYS A 130 11.99 -42.15 -8.61
N SER A 131 12.36 -41.26 -9.52
CA SER A 131 12.74 -39.91 -9.12
C SER A 131 11.56 -39.11 -8.61
N SER A 132 10.37 -39.34 -9.18
CA SER A 132 9.22 -38.54 -8.78
C SER A 132 8.74 -38.90 -7.37
N LEU A 133 8.95 -40.15 -6.95
CA LEU A 133 8.65 -40.52 -5.57
C LEU A 133 9.54 -39.75 -4.59
N LEU A 134 10.84 -39.71 -4.88
CA LEU A 134 11.77 -38.90 -4.10
C LEU A 134 11.32 -37.45 -4.08
N ALA A 135 10.90 -36.94 -5.23
CA ALA A 135 10.48 -35.54 -5.30
C ALA A 135 9.27 -35.28 -4.42
N SER A 136 8.27 -36.16 -4.45
CA SER A 136 7.08 -35.95 -3.64
C SER A 136 7.41 -36.03 -2.14
N ILE A 137 8.17 -37.03 -1.75
CA ILE A 137 8.53 -37.19 -0.33
C ILE A 137 9.31 -35.97 0.16
N CYS A 138 10.31 -35.54 -0.62
CA CYS A 138 11.13 -34.43 -0.19
C CYS A 138 10.35 -33.12 -0.19
N SER A 139 9.40 -32.95 -1.11
CA SER A 139 8.57 -31.75 -1.08
C SER A 139 7.70 -31.73 0.16
N LEU A 140 7.12 -32.86 0.53
CA LEU A 140 6.32 -32.91 1.76
C LEU A 140 7.16 -32.56 2.97
N LEU A 141 8.36 -33.14 3.07
CA LEU A 141 9.21 -32.83 4.20
C LEU A 141 9.62 -31.36 4.18
N SER A 142 9.82 -30.80 3.00
CA SER A 142 10.21 -29.40 2.90
C SER A 142 9.10 -28.49 3.41
N ILE A 143 7.85 -28.80 3.07
CA ILE A 143 6.73 -28.01 3.60
C ILE A 143 6.70 -28.12 5.12
N ALA A 144 6.87 -29.34 5.65
CA ALA A 144 6.84 -29.52 7.10
C ALA A 144 7.93 -28.69 7.78
N VAL A 145 9.15 -28.74 7.25
CA VAL A 145 10.25 -28.01 7.87
C VAL A 145 10.07 -26.50 7.74
N ASP A 146 9.55 -26.04 6.60
CA ASP A 146 9.25 -24.62 6.45
C ASP A 146 8.27 -24.15 7.51
N ARG A 147 7.20 -24.92 7.73
CA ARG A 147 6.24 -24.56 8.76
C ARG A 147 6.87 -24.58 10.15
N TYR A 148 7.71 -25.58 10.42
CA TYR A 148 8.36 -25.66 11.72
C TYR A 148 9.26 -24.46 11.97
N PHE A 149 9.97 -24.02 10.94
CA PHE A 149 10.84 -22.85 11.09
C PHE A 149 10.02 -21.58 11.27
N THR A 150 8.88 -21.48 10.58
CA THR A 150 8.01 -20.32 10.79
C THR A 150 7.49 -20.27 12.22
N ILE A 151 7.21 -21.41 12.82
CA ILE A 151 6.67 -21.41 14.19
C ILE A 151 7.78 -21.21 15.21
N PHE A 152 8.75 -22.14 15.26
CA PHE A 152 9.69 -22.17 16.37
C PHE A 152 10.84 -21.19 16.23
N TYR A 153 11.04 -20.61 15.06
CA TYR A 153 12.05 -19.59 14.82
C TYR A 153 11.42 -18.39 14.12
N ALA A 154 10.30 -17.92 14.70
CA ALA A 154 9.42 -16.99 14.00
C ALA A 154 10.12 -15.68 13.67
N LEU A 155 10.75 -15.06 14.66
CA LEU A 155 11.30 -13.72 14.47
C LEU A 155 12.59 -13.71 13.66
N GLN A 156 13.21 -14.87 13.45
CA GLN A 156 14.40 -14.94 12.60
C GLN A 156 14.11 -15.48 11.21
N TYR A 157 12.97 -16.17 11.04
CA TYR A 157 12.58 -16.63 9.71
C TYR A 157 12.39 -15.46 8.76
N HIS A 158 11.98 -14.31 9.27
CA HIS A 158 11.88 -13.11 8.45
C HIS A 158 13.26 -12.62 8.04
N ASN A 159 14.22 -12.65 8.96
CA ASN A 159 15.57 -12.20 8.67
C ASN A 159 16.27 -13.08 7.65
N ILE A 160 16.12 -14.40 7.77
CA ILE A 160 17.05 -15.31 7.13
C ILE A 160 16.75 -15.55 5.66
N MET A 161 15.61 -16.17 5.36
CA MET A 161 15.35 -16.69 4.03
C MET A 161 13.97 -16.25 3.54
N THR A 162 13.94 -15.56 2.40
CA THR A 162 12.67 -15.13 1.81
C THR A 162 12.44 -15.72 0.43
N VAL A 163 13.30 -15.46 -0.55
CA VAL A 163 13.03 -15.91 -1.92
C VAL A 163 14.20 -16.66 -2.53
N LYS A 164 15.38 -16.05 -2.52
CA LYS A 164 16.53 -16.63 -3.22
C LYS A 164 16.88 -18.01 -2.68
N ARG A 165 16.99 -18.12 -1.35
CA ARG A 165 17.29 -19.42 -0.76
C ARG A 165 16.17 -20.42 -1.00
N VAL A 166 14.94 -19.94 -1.17
CA VAL A 166 13.84 -20.84 -1.51
C VAL A 166 14.11 -21.51 -2.84
N GLY A 167 14.46 -20.71 -3.86
CA GLY A 167 14.79 -21.28 -5.14
C GLY A 167 16.01 -22.18 -5.07
N ILE A 168 17.01 -21.78 -4.28
CA ILE A 168 18.20 -22.61 -4.14
C ILE A 168 17.84 -23.99 -3.59
N ILE A 169 17.04 -24.03 -2.53
CA ILE A 169 16.68 -25.29 -1.91
C ILE A 169 15.80 -26.12 -2.82
N ILE A 170 14.82 -25.49 -3.49
CA ILE A 170 13.93 -26.23 -4.37
C ILE A 170 14.71 -26.84 -5.52
N SER A 171 15.59 -26.04 -6.13
CA SER A 171 16.40 -26.54 -7.23
C SER A 171 17.33 -27.65 -6.76
N CYS A 172 17.92 -27.50 -5.57
CA CYS A 172 18.80 -28.55 -5.07
C CYS A 172 18.04 -29.85 -4.85
N ILE A 173 16.85 -29.78 -4.26
CA ILE A 173 16.06 -30.98 -4.02
C ILE A 173 15.68 -31.65 -5.33
N TRP A 174 15.17 -30.86 -6.29
CA TRP A 174 14.78 -31.45 -7.57
C TRP A 174 15.98 -32.01 -8.33
N ALA A 175 17.11 -31.31 -8.32
CA ALA A 175 18.30 -31.82 -8.99
C ALA A 175 18.76 -33.12 -8.35
N ALA A 176 18.81 -33.16 -7.02
CA ALA A 176 19.26 -34.37 -6.35
C ALA A 176 18.28 -35.52 -6.55
N CYS A 177 16.99 -35.24 -6.69
CA CYS A 177 16.05 -36.33 -6.88
C CYS A 177 16.11 -36.85 -8.31
N THR A 178 16.34 -35.97 -9.29
CA THR A 178 16.59 -36.47 -10.65
C THR A 178 17.88 -37.27 -10.72
N VAL A 179 18.92 -36.82 -10.01
CA VAL A 179 20.16 -37.59 -9.93
C VAL A 179 19.90 -38.95 -9.31
N SER A 180 19.12 -39.00 -8.23
CA SER A 180 18.82 -40.28 -7.61
C SER A 180 18.03 -41.19 -8.54
N GLY A 181 17.08 -40.62 -9.29
CA GLY A 181 16.31 -41.42 -10.23
C GLY A 181 17.18 -41.99 -11.34
N ILE A 182 18.10 -41.19 -11.87
CA ILE A 182 19.01 -41.69 -12.89
C ILE A 182 19.93 -42.75 -12.30
N LEU A 183 20.59 -42.43 -11.18
CA LEU A 183 21.49 -43.36 -10.51
C LEU A 183 20.77 -44.58 -9.97
N PHE A 184 19.44 -44.61 -10.02
CA PHE A 184 18.67 -45.81 -9.75
C PHE A 184 18.19 -46.47 -11.03
N ILE A 185 18.83 -46.15 -12.16
CA ILE A 185 18.73 -46.93 -13.38
C ILE A 185 20.10 -47.51 -13.68
N ILE A 186 21.08 -46.62 -13.90
CA ILE A 186 22.47 -47.05 -13.89
C ILE A 186 22.79 -47.55 -12.50
N TYR A 187 23.48 -48.68 -12.41
CA TYR A 187 23.85 -49.33 -11.15
C TYR A 187 22.63 -49.87 -10.42
N SER A 188 21.46 -49.89 -11.06
CA SER A 188 20.24 -50.34 -10.42
C SER A 188 20.18 -51.86 -10.34
N ASP A 189 19.10 -52.35 -9.73
CA ASP A 189 18.86 -53.78 -9.54
C ASP A 189 20.03 -54.45 -8.85
N SER A 190 20.70 -53.70 -7.97
CA SER A 190 21.87 -54.18 -7.25
C SER A 190 21.53 -54.67 -5.86
N SER A 191 20.25 -54.67 -5.47
CA SER A 191 19.75 -55.10 -4.17
C SER A 191 20.28 -54.23 -3.03
N ALA A 192 21.05 -53.18 -3.33
CA ALA A 192 21.44 -52.19 -2.33
C ALA A 192 20.85 -50.83 -2.66
N VAL A 193 20.46 -50.62 -3.91
CA VAL A 193 19.69 -49.45 -4.30
C VAL A 193 18.29 -49.43 -3.71
N ILE A 194 17.61 -50.58 -3.67
CA ILE A 194 16.25 -50.67 -3.15
C ILE A 194 16.21 -50.58 -1.63
N ILE A 195 17.27 -51.01 -0.94
CA ILE A 195 17.34 -50.87 0.51
C ILE A 195 17.67 -49.44 0.93
N CYS A 196 18.30 -48.65 0.07
CA CYS A 196 18.52 -47.24 0.33
C CYS A 196 17.33 -46.38 -0.07
N LEU A 197 16.16 -46.99 -0.26
CA LEU A 197 14.93 -46.25 -0.52
C LEU A 197 13.87 -46.45 0.55
N ILE A 198 13.82 -47.63 1.17
CA ILE A 198 12.92 -47.88 2.28
C ILE A 198 13.38 -47.07 3.48
N THR A 199 14.70 -46.98 3.68
CA THR A 199 15.23 -46.20 4.80
C THR A 199 14.95 -44.72 4.61
N MET A 200 15.04 -44.22 3.38
CA MET A 200 14.67 -42.83 3.11
C MET A 200 13.22 -42.58 3.49
N PHE A 201 12.32 -43.45 3.06
CA PHE A 201 10.90 -43.26 3.36
C PHE A 201 10.63 -43.30 4.85
N PHE A 202 11.23 -44.26 5.58
CA PHE A 202 10.94 -44.35 7.00
C PHE A 202 11.54 -43.16 7.76
N THR A 203 12.75 -42.72 7.38
CA THR A 203 13.32 -41.54 8.02
C THR A 203 12.46 -40.30 7.77
N MET A 204 11.97 -40.14 6.54
CA MET A 204 11.14 -38.97 6.23
C MET A 204 9.81 -39.02 6.98
N LEU A 205 9.20 -40.20 7.05
CA LEU A 205 7.96 -40.34 7.82
C LEU A 205 8.18 -40.00 9.29
N ALA A 206 9.25 -40.52 9.88
CA ALA A 206 9.54 -40.22 11.27
C ALA A 206 9.75 -38.73 11.47
N LEU A 207 10.51 -38.09 10.58
CA LEU A 207 10.78 -36.67 10.75
C LEU A 207 9.52 -35.85 10.62
N MET A 208 8.67 -36.16 9.64
CA MET A 208 7.43 -35.41 9.47
C MET A 208 6.52 -35.55 10.69
N ALA A 209 6.36 -36.78 11.19
CA ALA A 209 5.53 -36.99 12.37
C ALA A 209 6.10 -36.26 13.57
N SER A 210 7.42 -36.32 13.75
CA SER A 210 8.04 -35.63 14.87
C SER A 210 7.78 -34.13 14.81
N LEU A 211 8.01 -33.53 13.65
CA LEU A 211 7.81 -32.09 13.52
C LEU A 211 6.36 -31.70 13.78
N TYR A 212 5.42 -32.48 13.26
CA TYR A 212 4.03 -32.07 13.39
C TYR A 212 3.50 -32.27 14.82
N VAL A 213 3.90 -33.36 15.48
CA VAL A 213 3.54 -33.51 16.89
C VAL A 213 4.18 -32.40 17.72
N HIS A 214 5.41 -32.02 17.38
CA HIS A 214 6.08 -30.95 18.11
C HIS A 214 5.42 -29.61 17.89
N MET A 215 4.77 -29.41 16.75
CA MET A 215 3.95 -28.22 16.54
C MET A 215 2.69 -28.28 17.41
N PHE A 216 2.03 -29.43 17.41
CA PHE A 216 0.79 -29.59 18.18
C PHE A 216 1.02 -29.39 19.66
N LEU A 217 2.20 -29.74 20.16
CA LEU A 217 2.49 -29.56 21.58
C LEU A 217 2.53 -28.09 21.96
N MET A 218 3.20 -27.27 21.14
CA MET A 218 3.21 -25.84 21.42
C MET A 218 1.84 -25.22 21.18
N ALA A 219 1.06 -25.77 20.25
CA ALA A 219 -0.32 -25.31 20.10
C ALA A 219 -1.11 -25.56 21.38
N ARG A 220 -0.91 -26.72 22.00
CA ARG A 220 -1.56 -27.01 23.28
C ARG A 220 -1.08 -26.06 24.37
N LEU A 221 0.21 -25.74 24.39
CA LEU A 221 0.71 -24.78 25.37
C LEU A 221 0.04 -23.41 25.19
N HIS A 222 -0.09 -22.96 23.95
CA HIS A 222 -0.73 -21.67 23.71
C HIS A 222 -2.21 -21.69 24.06
N ILE A 223 -2.88 -22.81 23.82
CA ILE A 223 -4.28 -22.90 24.21
C ILE A 223 -4.42 -22.92 25.73
N LYS A 224 -3.48 -23.56 26.42
CA LYS A 224 -3.50 -23.52 27.87
C LYS A 224 -3.33 -22.10 28.39
N ARG A 225 -2.42 -21.35 27.78
CA ARG A 225 -2.21 -19.95 28.20
C ARG A 225 -3.43 -19.09 27.87
N ILE A 226 -4.06 -19.33 26.72
CA ILE A 226 -5.21 -18.51 26.31
C ILE A 226 -6.42 -18.79 27.20
N ALA A 227 -6.69 -20.07 27.48
CA ALA A 227 -7.90 -20.44 28.19
C ALA A 227 -7.97 -19.87 29.59
N VAL A 228 -6.84 -19.58 30.22
CA VAL A 228 -6.82 -18.99 31.56
C VAL A 228 -6.87 -17.47 31.37
N LEU A 229 -8.10 -16.97 31.18
CA LEU A 229 -8.35 -15.55 31.02
C LEU A 229 -9.69 -15.27 31.68
N PRO A 230 -9.81 -14.20 32.48
CA PRO A 230 -11.01 -14.04 33.31
C PRO A 230 -12.31 -13.92 32.54
N GLY A 231 -12.30 -13.28 31.38
CA GLY A 231 -13.55 -13.00 30.68
C GLY A 231 -14.15 -14.16 29.94
N THR A 232 -13.44 -15.28 29.83
CA THR A 232 -13.96 -16.45 29.12
C THR A 232 -14.82 -17.30 30.04
N GLN A 237 -16.48 -26.20 18.02
CA GLN A 237 -15.31 -26.77 17.38
C GLN A 237 -14.27 -27.22 18.41
N GLY A 238 -13.31 -26.33 18.70
CA GLY A 238 -12.27 -26.63 19.64
C GLY A 238 -10.89 -26.64 19.01
N ALA A 239 -9.96 -25.89 19.60
CA ALA A 239 -8.61 -25.82 19.04
C ALA A 239 -7.85 -27.13 19.20
N ASN A 240 -8.00 -27.79 20.35
CA ASN A 240 -7.36 -29.10 20.53
C ASN A 240 -7.90 -30.10 19.53
N MET A 241 -9.22 -30.13 19.35
CA MET A 241 -9.83 -31.03 18.36
C MET A 241 -9.36 -30.69 16.96
N LYS A 242 -9.24 -29.39 16.65
CA LYS A 242 -8.80 -28.99 15.32
C LYS A 242 -7.36 -29.44 15.07
N GLY A 243 -6.49 -29.27 16.06
CA GLY A 243 -5.12 -29.75 15.91
C GLY A 243 -5.04 -31.25 15.76
N ALA A 244 -5.83 -31.98 16.54
CA ALA A 244 -5.87 -33.43 16.41
C ALA A 244 -6.32 -33.86 15.02
N ILE A 245 -7.37 -33.21 14.50
CA ILE A 245 -7.85 -33.54 13.15
C ILE A 245 -6.79 -33.24 12.11
N THR A 246 -6.11 -32.09 12.23
CA THR A 246 -5.09 -31.74 11.23
C THR A 246 -3.94 -32.74 11.24
N LEU A 247 -3.43 -33.06 12.42
CA LEU A 247 -2.37 -34.07 12.50
C LEU A 247 -2.82 -35.41 11.96
N THR A 248 -4.02 -35.84 12.36
CA THR A 248 -4.53 -37.12 11.90
C THR A 248 -4.60 -37.16 10.38
N ILE A 249 -5.21 -36.14 9.78
CA ILE A 249 -5.36 -36.13 8.33
C ILE A 249 -4.00 -36.17 7.66
N LEU A 250 -3.09 -35.27 8.04
CA LEU A 250 -1.81 -35.18 7.35
C LEU A 250 -1.00 -36.46 7.50
N ILE A 251 -0.72 -36.86 8.75
CA ILE A 251 0.12 -38.03 8.98
C ILE A 251 -0.54 -39.29 8.44
N GLY A 252 -1.84 -39.47 8.67
CA GLY A 252 -2.52 -40.65 8.19
C GLY A 252 -2.58 -40.75 6.68
N VAL A 253 -2.71 -39.62 5.98
CA VAL A 253 -2.67 -39.69 4.52
C VAL A 253 -1.27 -40.04 4.04
N PHE A 254 -0.25 -39.46 4.67
CA PHE A 254 1.11 -39.80 4.25
C PHE A 254 1.46 -41.24 4.60
N VAL A 255 0.79 -41.82 5.60
CA VAL A 255 1.09 -43.19 6.01
C VAL A 255 0.30 -44.20 5.18
N VAL A 256 -1.03 -44.10 5.25
CA VAL A 256 -1.90 -45.08 4.61
C VAL A 256 -1.63 -45.14 3.10
N CYS A 257 -1.48 -43.99 2.46
CA CYS A 257 -1.29 -43.97 1.02
C CYS A 257 0.15 -44.27 0.59
N TRP A 258 1.05 -44.57 1.52
CA TRP A 258 2.41 -44.90 1.13
C TRP A 258 2.93 -46.17 1.80
N ALA A 259 2.41 -46.50 2.98
CA ALA A 259 2.95 -47.64 3.73
C ALA A 259 2.88 -48.94 2.95
N PRO A 260 1.77 -49.31 2.30
CA PRO A 260 1.76 -50.59 1.58
C PRO A 260 2.82 -50.67 0.49
N PHE A 261 3.00 -49.59 -0.25
CA PHE A 261 3.93 -49.64 -1.35
C PHE A 261 5.31 -49.96 -0.84
N PHE A 262 5.81 -49.15 0.07
CA PHE A 262 7.17 -49.37 0.52
C PHE A 262 7.25 -50.71 1.22
N LEU A 263 6.15 -51.17 1.77
CA LEU A 263 6.15 -52.49 2.36
C LEU A 263 6.45 -53.46 1.26
N HIS A 264 5.65 -53.40 0.20
CA HIS A 264 5.89 -54.25 -0.94
C HIS A 264 7.35 -54.22 -1.23
N LEU A 265 7.88 -53.02 -1.47
CA LEU A 265 9.29 -52.88 -1.77
C LEU A 265 10.16 -53.63 -0.79
N ILE A 266 9.78 -53.62 0.48
CA ILE A 266 10.56 -54.33 1.49
C ILE A 266 10.40 -55.82 1.29
N PHE A 267 9.17 -56.31 1.30
CA PHE A 267 8.94 -57.72 1.14
C PHE A 267 9.84 -58.24 0.06
N TYR A 268 9.99 -57.45 -1.01
CA TYR A 268 10.83 -57.85 -2.11
C TYR A 268 12.11 -58.43 -1.59
N ILE A 269 12.91 -57.58 -0.94
CA ILE A 269 14.17 -58.04 -0.40
C ILE A 269 13.98 -58.64 0.99
N SER A 270 12.74 -58.88 1.37
CA SER A 270 12.46 -59.43 2.71
C SER A 270 12.03 -60.89 2.65
N CYS A 271 10.89 -61.16 2.02
CA CYS A 271 10.39 -62.53 1.95
C CYS A 271 9.90 -62.86 0.55
N PRO A 272 10.81 -63.18 -0.35
CA PRO A 272 10.40 -63.45 -1.73
C PRO A 272 9.86 -64.85 -1.90
N GLN A 273 9.64 -65.58 -0.81
CA GLN A 273 9.20 -66.97 -0.94
C GLN A 273 7.92 -67.29 -0.18
N ASN A 274 7.60 -66.57 0.89
CA ASN A 274 6.43 -66.90 1.70
C ASN A 274 5.16 -66.71 0.89
N PRO A 275 4.28 -67.72 0.82
CA PRO A 275 3.01 -67.53 0.09
C PRO A 275 2.17 -66.38 0.63
N TYR A 276 2.18 -66.14 1.94
CA TYR A 276 1.57 -64.93 2.47
C TYR A 276 2.24 -63.69 1.89
N CYS A 277 3.57 -63.70 1.86
CA CYS A 277 4.29 -62.63 1.18
C CYS A 277 3.99 -62.64 -0.32
N VAL A 278 3.65 -63.79 -0.90
CA VAL A 278 3.28 -63.83 -2.31
C VAL A 278 1.99 -63.05 -2.54
N CYS A 279 0.98 -63.27 -1.69
CA CYS A 279 -0.21 -62.42 -1.78
C CYS A 279 0.09 -60.96 -1.52
N PHE A 280 0.96 -60.66 -0.55
CA PHE A 280 1.28 -59.26 -0.32
C PHE A 280 1.90 -58.64 -1.56
N MET A 281 2.73 -59.40 -2.27
CA MET A 281 3.27 -58.96 -3.54
C MET A 281 2.16 -58.78 -4.57
N SER A 282 1.19 -59.68 -4.60
CA SER A 282 0.25 -59.78 -5.70
C SER A 282 -0.71 -58.62 -5.79
N HIS A 283 -0.57 -57.58 -4.97
CA HIS A 283 -1.45 -56.43 -5.00
C HIS A 283 -0.66 -55.15 -5.23
N PHE A 284 0.42 -55.25 -5.99
CA PHE A 284 1.19 -54.09 -6.44
C PHE A 284 0.31 -53.12 -7.22
N ASN A 285 -0.68 -53.62 -7.95
CA ASN A 285 -1.59 -52.77 -8.71
C ASN A 285 -2.60 -52.04 -7.83
N LEU A 286 -2.85 -52.52 -6.62
CA LEU A 286 -3.59 -51.77 -5.62
C LEU A 286 -2.70 -50.79 -4.86
N TYR A 287 -1.46 -51.17 -4.61
CA TYR A 287 -0.53 -50.25 -3.97
C TYR A 287 -0.29 -49.02 -4.82
N LEU A 288 -0.19 -49.20 -6.15
CA LEU A 288 -0.01 -48.03 -7.02
C LEU A 288 -1.29 -47.22 -7.14
N ILE A 289 -2.46 -47.86 -7.06
CA ILE A 289 -3.67 -47.04 -7.05
C ILE A 289 -3.73 -46.22 -5.77
N LEU A 290 -3.17 -46.73 -4.67
CA LEU A 290 -3.07 -45.92 -3.47
C LEU A 290 -2.09 -44.76 -3.66
N ILE A 291 -0.95 -45.03 -4.30
CA ILE A 291 0.01 -43.95 -4.55
C ILE A 291 -0.63 -42.85 -5.37
N MET A 292 -1.44 -43.22 -6.36
CA MET A 292 -2.14 -42.21 -7.14
C MET A 292 -3.30 -41.58 -6.38
N CYS A 293 -3.87 -42.29 -5.39
CA CYS A 293 -4.87 -41.67 -4.53
C CYS A 293 -4.24 -40.63 -3.62
N ASN A 294 -2.93 -40.71 -3.39
CA ASN A 294 -2.24 -39.61 -2.74
C ASN A 294 -2.46 -38.30 -3.50
N SER A 295 -1.98 -38.24 -4.73
CA SER A 295 -1.87 -36.98 -5.46
C SER A 295 -3.21 -36.35 -5.77
N ILE A 296 -4.33 -37.01 -5.46
CA ILE A 296 -5.63 -36.41 -5.68
C ILE A 296 -6.16 -35.71 -4.44
N ILE A 297 -5.53 -35.90 -3.28
CA ILE A 297 -5.93 -35.24 -2.05
C ILE A 297 -4.81 -34.41 -1.44
N ASP A 298 -3.62 -34.38 -2.05
CA ASP A 298 -2.58 -33.50 -1.56
C ASP A 298 -2.96 -32.02 -1.68
N PRO A 299 -3.46 -31.54 -2.82
CA PRO A 299 -3.95 -30.15 -2.84
C PRO A 299 -5.05 -29.89 -1.83
N LEU A 300 -5.95 -30.85 -1.61
CA LEU A 300 -7.04 -30.65 -0.67
C LEU A 300 -6.53 -30.38 0.73
N ILE A 301 -5.46 -31.07 1.15
CA ILE A 301 -4.97 -30.95 2.52
C ILE A 301 -3.80 -30.00 2.68
N TYR A 302 -3.22 -29.50 1.58
CA TYR A 302 -2.12 -28.56 1.68
C TYR A 302 -2.41 -27.21 1.05
N ALA A 303 -2.93 -27.20 -0.19
CA ALA A 303 -3.11 -25.95 -0.91
C ALA A 303 -4.51 -25.37 -0.73
N LEU A 304 -5.54 -26.19 -0.88
CA LEU A 304 -6.91 -25.72 -0.73
C LEU A 304 -7.21 -25.19 0.67
N ARG A 305 -6.40 -25.55 1.67
CA ARG A 305 -6.68 -25.14 3.03
C ARG A 305 -6.44 -23.65 3.25
N SER A 306 -5.69 -23.00 2.37
CA SER A 306 -5.42 -21.57 2.49
C SER A 306 -6.50 -20.79 1.77
N GLN A 307 -7.17 -19.88 2.49
CA GLN A 307 -8.27 -19.13 1.90
C GLN A 307 -7.79 -18.22 0.78
N GLU A 308 -6.57 -17.67 0.90
CA GLU A 308 -6.05 -16.81 -0.16
C GLU A 308 -5.91 -17.57 -1.48
N LEU A 309 -5.41 -18.80 -1.42
CA LEU A 309 -5.35 -19.63 -2.61
C LEU A 309 -6.72 -20.16 -2.99
N ARG A 310 -7.59 -20.38 -2.01
CA ARG A 310 -8.92 -20.92 -2.30
C ARG A 310 -9.73 -19.97 -3.18
N LYS A 311 -9.67 -18.66 -2.89
CA LYS A 311 -10.38 -17.70 -3.72
C LYS A 311 -9.79 -17.61 -5.11
N THR A 312 -8.48 -17.83 -5.25
CA THR A 312 -7.86 -17.80 -6.57
C THR A 312 -8.38 -18.92 -7.45
N PHE A 313 -8.86 -20.02 -6.86
CA PHE A 313 -9.50 -21.06 -7.66
C PHE A 313 -10.84 -20.59 -8.19
N LYS A 314 -11.57 -19.80 -7.41
CA LYS A 314 -12.87 -19.31 -7.85
C LYS A 314 -12.76 -18.43 -9.08
N GLU A 315 -11.71 -17.59 -9.13
CA GLU A 315 -11.51 -16.72 -10.29
C GLU A 315 -11.26 -17.55 -11.55
N ILE A 316 -10.48 -18.62 -11.43
CA ILE A 316 -10.21 -19.50 -12.56
C ILE A 316 -11.38 -20.43 -12.80
N LEU B 5 10.56 -2.06 -30.17
CA LEU B 5 11.22 -1.66 -28.95
C LEU B 5 12.49 -0.88 -29.26
N SER B 6 12.43 0.45 -29.12
CA SER B 6 13.56 1.29 -29.44
C SER B 6 14.69 1.11 -28.45
N ALA B 7 15.85 1.67 -28.77
CA ALA B 7 17.01 1.54 -27.89
C ALA B 7 16.81 2.28 -26.58
N GLU B 8 16.27 3.51 -26.64
CA GLU B 8 16.00 4.25 -25.42
C GLU B 8 14.93 3.55 -24.58
N ASP B 9 13.96 2.91 -25.21
CA ASP B 9 12.97 2.17 -24.44
C ASP B 9 13.58 0.94 -23.78
N LYS B 10 14.52 0.27 -24.45
CA LYS B 10 15.26 -0.81 -23.80
C LYS B 10 16.04 -0.30 -22.60
N ALA B 11 16.70 0.84 -22.75
CA ALA B 11 17.43 1.41 -21.61
C ALA B 11 16.50 1.80 -20.48
N ALA B 12 15.31 2.31 -20.80
CA ALA B 12 14.32 2.61 -19.76
C ALA B 12 13.88 1.35 -19.04
N VAL B 13 13.67 0.26 -19.78
CA VAL B 13 13.32 -1.02 -19.15
C VAL B 13 14.45 -1.47 -18.24
N GLU B 14 15.70 -1.26 -18.66
CA GLU B 14 16.84 -1.64 -17.83
C GLU B 14 16.86 -0.83 -16.53
N ARG B 15 16.61 0.47 -16.62
CA ARG B 15 16.56 1.30 -15.43
C ARG B 15 15.43 0.86 -14.51
N SER B 16 14.29 0.50 -15.09
CA SER B 16 13.18 -0.01 -14.29
C SER B 16 13.54 -1.33 -13.60
N LYS B 17 14.30 -2.18 -14.28
CA LYS B 17 14.76 -3.42 -13.66
C LYS B 17 15.67 -3.13 -12.48
N MET B 18 16.58 -2.16 -12.63
CA MET B 18 17.45 -1.81 -11.50
C MET B 18 16.65 -1.24 -10.34
N ILE B 19 15.64 -0.40 -10.64
CA ILE B 19 14.80 0.14 -9.58
C ILE B 19 14.07 -0.98 -8.86
N GLU B 20 13.53 -1.95 -9.62
CA GLU B 20 12.87 -3.09 -8.99
C GLU B 20 13.84 -3.93 -8.17
N LYS B 21 15.10 -4.02 -8.59
CA LYS B 21 16.10 -4.73 -7.81
C LYS B 21 16.33 -4.05 -6.47
N GLN B 22 16.47 -2.73 -6.47
CA GLN B 22 16.61 -2.00 -5.23
C GLN B 22 15.36 -2.13 -4.36
N LEU B 23 14.19 -2.14 -4.99
CA LEU B 23 12.94 -2.32 -4.25
C LEU B 23 12.90 -3.68 -3.56
N GLN B 24 13.32 -4.73 -4.27
CA GLN B 24 13.39 -6.04 -3.66
C GLN B 24 14.40 -6.08 -2.52
N LYS B 25 15.53 -5.40 -2.69
CA LYS B 25 16.53 -5.34 -1.63
C LYS B 25 16.02 -4.59 -0.40
N ASP B 26 15.10 -3.64 -0.60
CA ASP B 26 14.47 -2.96 0.53
C ASP B 26 13.33 -3.76 1.15
N LYS B 27 12.70 -4.64 0.36
CA LYS B 27 11.66 -5.51 0.89
C LYS B 27 12.20 -6.41 2.00
N GLN B 28 13.46 -6.85 1.89
CA GLN B 28 14.08 -7.63 2.94
C GLN B 28 14.10 -6.86 4.26
N VAL B 29 14.53 -5.60 4.21
CA VAL B 29 14.58 -4.78 5.41
C VAL B 29 13.18 -4.54 5.95
N TYR B 30 12.21 -4.36 5.05
CA TYR B 30 10.83 -4.11 5.50
C TYR B 30 10.26 -5.32 6.23
N ARG B 31 10.40 -6.52 5.66
CA ARG B 31 9.82 -7.69 6.31
C ARG B 31 10.63 -8.16 7.51
N ALA B 32 11.84 -7.65 7.69
CA ALA B 32 12.64 -7.97 8.86
C ALA B 32 12.48 -6.95 9.97
N THR B 33 11.58 -5.99 9.80
CA THR B 33 11.33 -4.91 10.74
C THR B 33 9.93 -5.03 11.31
N HIS B 34 9.80 -4.85 12.61
CA HIS B 34 8.52 -4.94 13.30
C HIS B 34 8.13 -3.56 13.80
N ARG B 35 6.93 -3.12 13.44
CA ARG B 35 6.44 -1.79 13.79
C ARG B 35 5.47 -1.89 14.96
N LEU B 36 5.68 -1.02 15.95
CA LEU B 36 4.84 -0.98 17.15
C LEU B 36 4.33 0.44 17.35
N LEU B 37 3.09 0.57 17.78
CA LEU B 37 2.48 1.85 18.08
C LEU B 37 2.33 2.00 19.58
N LEU B 38 2.84 3.10 20.12
CA LEU B 38 2.81 3.36 21.54
C LEU B 38 1.67 4.32 21.85
N LEU B 39 0.72 3.87 22.68
CA LEU B 39 -0.47 4.62 23.01
C LEU B 39 -0.54 4.82 24.52
N GLY B 40 -1.04 5.99 24.92
CA GLY B 40 -1.19 6.29 26.32
C GLY B 40 -1.72 7.69 26.57
N ALA B 41 -2.16 7.95 27.79
CA ALA B 41 -2.66 9.27 28.16
C ALA B 41 -1.49 10.18 28.54
N ASP B 42 -1.79 11.34 29.11
CA ASP B 42 -0.74 12.27 29.50
C ASP B 42 -0.01 11.82 30.76
N ASN B 43 -0.72 11.18 31.67
CA ASN B 43 -0.14 10.64 32.89
C ASN B 43 0.28 9.18 32.76
N SER B 44 0.20 8.62 31.56
CA SER B 44 0.42 7.20 31.38
C SER B 44 1.83 6.78 31.78
N GLY B 45 2.83 7.55 31.38
CA GLY B 45 4.20 7.15 31.59
C GLY B 45 4.85 6.49 30.40
N LYS B 46 4.33 6.72 29.19
CA LYS B 46 4.96 6.15 28.02
C LYS B 46 6.33 6.77 27.76
N SER B 47 6.54 8.00 28.24
CA SER B 47 7.83 8.65 28.08
C SER B 47 8.94 7.89 28.80
N THR B 48 8.68 7.43 30.02
CA THR B 48 9.72 6.71 30.74
C THR B 48 9.95 5.33 30.15
N ILE B 49 8.90 4.74 29.56
CA ILE B 49 9.10 3.49 28.82
C ILE B 49 10.02 3.71 27.63
N VAL B 50 9.82 4.82 26.91
CA VAL B 50 10.70 5.15 25.79
C VAL B 50 12.13 5.35 26.28
N LYS B 51 12.28 6.09 27.39
CA LYS B 51 13.61 6.33 27.93
C LYS B 51 14.29 5.02 28.36
N GLN B 52 13.53 4.12 28.97
CA GLN B 52 14.04 2.81 29.34
C GLN B 52 14.49 2.02 28.12
N MET B 53 13.72 2.08 27.04
CA MET B 53 13.95 1.25 25.88
C MET B 53 14.90 1.86 24.85
N ARG B 54 15.32 3.10 25.04
CA ARG B 54 16.20 3.74 24.07
C ARG B 54 17.66 3.79 24.51
N ILE B 55 17.94 4.10 25.77
CA ILE B 55 19.33 4.06 26.23
C ILE B 55 19.85 2.63 26.25
N TYR B 56 18.99 1.69 26.61
CA TYR B 56 19.30 0.28 26.48
C TYR B 56 18.73 -0.26 25.17
N HIS B 57 19.30 -1.38 24.73
CA HIS B 57 18.80 -2.10 23.57
C HIS B 57 18.76 -1.23 22.31
N THR B 181 7.22 20.89 16.44
CA THR B 181 5.86 20.64 15.99
C THR B 181 5.75 19.35 15.19
N SER B 182 6.75 18.49 15.32
CA SER B 182 6.74 17.21 14.62
C SER B 182 5.62 16.33 15.14
N GLY B 183 4.98 15.59 14.25
CA GLY B 183 3.80 14.82 14.57
C GLY B 183 4.01 13.34 14.82
N ILE B 184 5.24 12.85 14.76
CA ILE B 184 5.51 11.44 15.00
C ILE B 184 6.96 11.31 15.47
N PHE B 185 7.16 10.46 16.47
CA PHE B 185 8.48 10.15 16.98
C PHE B 185 8.77 8.67 16.77
N GLU B 186 9.92 8.37 16.18
CA GLU B 186 10.35 7.00 15.96
C GLU B 186 11.45 6.65 16.94
N THR B 187 11.37 5.46 17.52
CA THR B 187 12.34 4.97 18.48
C THR B 187 12.88 3.64 18.00
N LYS B 188 14.21 3.53 17.93
CA LYS B 188 14.88 2.35 17.42
C LYS B 188 15.43 1.54 18.59
N PHE B 189 15.11 0.26 18.64
CA PHE B 189 15.77 -0.62 19.59
C PHE B 189 15.84 -2.03 19.02
N GLN B 190 16.79 -2.80 19.51
CA GLN B 190 17.12 -4.11 18.96
C GLN B 190 17.30 -5.10 20.11
N VAL B 191 16.55 -6.20 20.06
CA VAL B 191 16.64 -7.25 21.07
C VAL B 191 16.97 -8.56 20.37
N ASP B 192 18.13 -9.12 20.69
CA ASP B 192 18.58 -10.40 20.15
C ASP B 192 18.58 -10.39 18.62
N LYS B 193 19.18 -9.34 18.05
CA LYS B 193 19.35 -9.21 16.61
C LYS B 193 18.02 -9.21 15.85
N VAL B 194 16.98 -8.68 16.48
CA VAL B 194 15.69 -8.49 15.83
C VAL B 194 15.35 -7.01 15.94
N ASN B 195 15.15 -6.36 14.79
CA ASN B 195 14.94 -4.93 14.76
C ASN B 195 13.50 -4.58 15.12
N PHE B 196 13.34 -3.54 15.92
CA PHE B 196 12.04 -3.06 16.36
C PHE B 196 11.93 -1.56 16.13
N HIS B 197 10.82 -1.15 15.51
CA HIS B 197 10.49 0.25 15.30
C HIS B 197 9.25 0.59 16.12
N MET B 198 9.33 1.67 16.89
CA MET B 198 8.20 2.12 17.69
C MET B 198 7.88 3.57 17.37
N PHE B 199 6.60 3.92 17.47
CA PHE B 199 6.10 5.20 16.99
C PHE B 199 5.18 5.80 18.05
N ASP B 200 5.63 6.89 18.66
CA ASP B 200 4.84 7.65 19.62
C ASP B 200 4.29 8.87 18.91
N VAL B 201 2.99 9.05 18.97
CA VAL B 201 2.34 10.14 18.24
C VAL B 201 2.50 11.43 19.04
N GLY B 202 2.85 12.51 18.34
CA GLY B 202 3.22 13.74 19.01
C GLY B 202 2.26 14.89 18.81
N ALA B 203 2.61 15.81 17.92
CA ALA B 203 1.85 17.06 17.75
C ALA B 203 0.58 16.79 16.95
N GLN B 204 -0.29 15.99 17.54
CA GLN B 204 -1.61 15.71 16.98
C GLN B 204 -2.68 16.08 17.99
N ARG B 205 -3.87 16.32 17.48
CA ARG B 205 -4.99 16.74 18.32
C ARG B 205 -5.51 15.55 19.13
N ASP B 206 -6.56 15.77 19.90
CA ASP B 206 -7.13 14.75 20.75
C ASP B 206 -8.06 13.79 20.03
N GLU B 207 -8.49 14.13 18.82
CA GLU B 207 -9.31 13.23 18.02
C GLU B 207 -8.39 12.24 17.30
N ARG B 208 -8.82 10.98 17.25
CA ARG B 208 -7.93 9.87 16.97
C ARG B 208 -8.43 8.98 15.84
N ARG B 209 -9.71 9.07 15.47
CA ARG B 209 -10.36 8.08 14.63
C ARG B 209 -9.89 8.09 13.18
N LYS B 210 -9.11 9.08 12.78
CA LYS B 210 -8.63 9.15 11.41
C LYS B 210 -7.17 8.76 11.24
N TRP B 211 -6.30 9.16 12.16
CA TRP B 211 -4.89 8.78 12.05
C TRP B 211 -4.56 7.46 12.72
N ILE B 212 -5.52 6.83 13.39
CA ILE B 212 -5.29 5.49 13.93
C ILE B 212 -5.43 4.42 12.87
N GLN B 213 -5.99 4.77 11.71
CA GLN B 213 -6.09 3.81 10.61
C GLN B 213 -4.76 3.58 9.94
N CYS B 214 -3.84 4.54 10.01
CA CYS B 214 -2.52 4.36 9.41
C CYS B 214 -1.76 3.24 10.08
N PHE B 215 -2.11 2.90 11.32
CA PHE B 215 -1.40 1.89 12.09
C PHE B 215 -2.03 0.51 11.98
N ASN B 216 -2.71 0.23 10.87
CA ASN B 216 -3.03 -1.14 10.52
C ASN B 216 -1.73 -1.87 10.17
N ASP B 217 -1.82 -3.21 10.12
CA ASP B 217 -0.74 -4.11 9.77
C ASP B 217 0.56 -3.86 10.54
N VAL B 218 0.45 -3.27 11.72
CA VAL B 218 1.58 -3.19 12.64
C VAL B 218 1.61 -4.47 13.46
N THR B 219 2.78 -4.77 14.02
CA THR B 219 2.95 -6.04 14.73
C THR B 219 2.11 -6.06 16.01
N ALA B 220 2.20 -5.00 16.81
CA ALA B 220 1.46 -4.96 18.07
C ALA B 220 1.32 -3.51 18.51
N ILE B 221 0.22 -3.23 19.19
CA ILE B 221 -0.03 -1.93 19.81
C ILE B 221 0.34 -2.03 21.28
N ILE B 222 1.12 -1.07 21.76
CA ILE B 222 1.56 -1.05 23.15
C ILE B 222 0.76 0.01 23.88
N PHE B 223 0.01 -0.42 24.89
CA PHE B 223 -0.93 0.42 25.61
C PHE B 223 -0.47 0.58 27.05
N VAL B 224 -0.26 1.83 27.47
CA VAL B 224 0.24 2.15 28.80
C VAL B 224 -0.88 2.77 29.61
N VAL B 225 -1.11 2.24 30.80
CA VAL B 225 -2.15 2.73 31.71
C VAL B 225 -1.51 3.07 33.03
N ASP B 226 -1.92 4.19 33.62
CA ASP B 226 -1.52 4.55 34.97
C ASP B 226 -2.53 3.91 35.90
N SER B 227 -2.09 2.91 36.67
CA SER B 227 -3.00 2.15 37.52
C SER B 227 -3.18 2.76 38.89
N SER B 228 -2.60 3.93 39.15
CA SER B 228 -2.78 4.60 40.43
C SER B 228 -3.90 5.62 40.42
N ASP B 229 -4.24 6.18 39.27
CA ASP B 229 -5.26 7.22 39.16
C ASP B 229 -6.58 6.53 38.85
N TYR B 230 -7.44 6.40 39.87
CA TYR B 230 -8.70 5.70 39.70
C TYR B 230 -9.68 6.49 38.83
N ASN B 231 -9.56 7.82 38.83
CA ASN B 231 -10.53 8.64 38.11
C ASN B 231 -10.45 8.41 36.61
N ARG B 232 -9.25 8.32 36.06
CA ARG B 232 -9.06 8.17 34.63
C ARG B 232 -8.95 6.72 34.18
N LEU B 233 -9.12 5.78 35.12
CA LEU B 233 -9.09 4.36 34.76
C LEU B 233 -10.24 4.00 33.83
N GLN B 234 -11.42 4.57 34.07
CA GLN B 234 -12.55 4.30 33.18
C GLN B 234 -12.31 4.89 31.79
N GLU B 235 -11.69 6.07 31.73
CA GLU B 235 -11.33 6.65 30.44
C GLU B 235 -10.33 5.76 29.70
N ALA B 236 -9.35 5.23 30.42
CA ALA B 236 -8.40 4.32 29.80
C ALA B 236 -9.08 3.05 29.31
N LEU B 237 -10.03 2.53 30.09
CA LEU B 237 -10.78 1.34 29.66
C LEU B 237 -11.58 1.63 28.41
N ASN B 238 -12.21 2.79 28.33
CA ASN B 238 -12.97 3.15 27.13
C ASN B 238 -12.05 3.28 25.92
N ASP B 239 -10.88 3.89 26.10
CA ASP B 239 -9.92 3.98 25.00
C ASP B 239 -9.48 2.61 24.54
N PHE B 240 -9.20 1.71 25.48
CA PHE B 240 -8.82 0.35 25.14
C PHE B 240 -9.94 -0.35 24.37
N LYS B 241 -11.18 -0.14 24.80
CA LYS B 241 -12.32 -0.73 24.10
C LYS B 241 -12.41 -0.22 22.67
N SER B 242 -12.21 1.09 22.48
CA SER B 242 -12.28 1.65 21.14
C SER B 242 -11.17 1.12 20.25
N ILE B 243 -9.95 0.98 20.79
CA ILE B 243 -8.85 0.41 20.02
C ILE B 243 -9.15 -1.04 19.67
N TRP B 244 -9.68 -1.80 20.64
CA TRP B 244 -9.94 -3.22 20.43
C TRP B 244 -11.02 -3.45 19.39
N ASN B 245 -12.09 -2.66 19.42
CA ASN B 245 -13.25 -2.92 18.59
C ASN B 245 -13.23 -2.20 17.25
N ASN B 246 -12.17 -1.46 16.94
CA ASN B 246 -12.09 -0.76 15.67
C ASN B 246 -12.01 -1.77 14.53
N ARG B 247 -12.65 -1.44 13.41
CA ARG B 247 -12.74 -2.36 12.27
C ARG B 247 -11.36 -2.70 11.72
N TRP B 248 -10.45 -1.74 11.69
CA TRP B 248 -9.15 -1.96 11.08
C TRP B 248 -8.14 -2.54 12.04
N LEU B 249 -8.28 -2.24 13.34
CA LEU B 249 -7.45 -2.88 14.36
C LEU B 249 -8.14 -4.09 14.97
N ARG B 250 -8.61 -5.02 14.12
CA ARG B 250 -9.19 -6.27 14.58
C ARG B 250 -8.22 -7.44 14.50
N THR B 251 -7.16 -7.32 13.70
CA THR B 251 -6.12 -8.34 13.62
C THR B 251 -4.82 -7.89 14.29
N ILE B 252 -4.91 -6.93 15.20
CA ILE B 252 -3.72 -6.33 15.82
C ILE B 252 -3.81 -6.52 17.31
N SER B 253 -2.82 -7.19 17.88
CA SER B 253 -2.80 -7.47 19.30
C SER B 253 -2.32 -6.25 20.08
N VAL B 254 -2.66 -6.23 21.36
CA VAL B 254 -2.34 -5.13 22.26
C VAL B 254 -1.48 -5.67 23.39
N ILE B 255 -0.39 -4.98 23.68
CA ILE B 255 0.48 -5.33 24.79
C ILE B 255 0.23 -4.29 25.88
N LEU B 256 -0.49 -4.69 26.93
CA LEU B 256 -0.77 -3.79 28.03
C LEU B 256 0.47 -3.60 28.89
N PHE B 257 0.68 -2.36 29.35
CA PHE B 257 1.70 -2.05 30.33
C PHE B 257 1.01 -1.29 31.46
N LEU B 258 0.61 -2.01 32.50
CA LEU B 258 -0.05 -1.42 33.66
C LEU B 258 0.99 -0.68 34.48
N ASN B 259 1.28 0.54 34.05
CA ASN B 259 2.40 1.30 34.58
C ASN B 259 2.12 1.81 35.98
N LYS B 260 3.19 2.24 36.65
CA LYS B 260 3.13 2.92 37.94
C LYS B 260 2.47 2.04 39.01
N GLN B 261 3.07 0.86 39.20
CA GLN B 261 2.61 -0.03 40.26
C GLN B 261 3.06 0.42 41.63
N ASP B 262 4.19 1.12 41.72
CA ASP B 262 4.63 1.64 43.01
C ASP B 262 3.64 2.64 43.57
N LEU B 263 3.12 3.54 42.72
CA LEU B 263 2.13 4.50 43.18
C LEU B 263 0.86 3.80 43.61
N LEU B 264 0.43 2.77 42.87
CA LEU B 264 -0.76 2.02 43.24
C LEU B 264 -0.58 1.34 44.60
N ALA B 265 0.59 0.75 44.83
CA ALA B 265 0.86 0.14 46.13
C ALA B 265 0.81 1.19 47.24
N GLU B 266 1.54 2.28 47.06
CA GLU B 266 1.57 3.32 48.10
C GLU B 266 0.17 3.84 48.39
N LYS B 267 -0.68 3.92 47.36
CA LYS B 267 -2.03 4.45 47.58
C LYS B 267 -2.94 3.43 48.26
N VAL B 268 -2.83 2.14 47.89
CA VAL B 268 -3.71 1.14 48.48
C VAL B 268 -3.33 0.87 49.93
N LEU B 269 -2.03 0.72 50.22
CA LEU B 269 -1.62 0.46 51.60
C LEU B 269 -1.97 1.64 52.51
N ALA B 270 -1.75 2.86 52.05
CA ALA B 270 -2.14 4.04 52.81
C ALA B 270 -3.56 4.44 52.40
N GLY B 271 -4.50 3.62 52.87
CA GLY B 271 -5.88 3.72 52.42
C GLY B 271 -6.55 5.04 52.70
N LYS B 272 -6.70 5.86 51.65
CA LYS B 272 -7.44 7.11 51.74
C LYS B 272 -8.43 7.20 50.58
N SER B 273 -8.14 6.51 49.49
CA SER B 273 -9.01 6.45 48.33
C SER B 273 -9.51 5.02 48.15
N LYS B 274 -10.82 4.85 48.17
CA LYS B 274 -11.44 3.54 48.05
C LYS B 274 -11.72 3.24 46.59
N ILE B 275 -11.32 2.05 46.13
CA ILE B 275 -11.60 1.66 44.75
C ILE B 275 -13.08 1.35 44.55
N GLU B 276 -13.80 1.06 45.64
CA GLU B 276 -15.24 0.82 45.53
C GLU B 276 -16.00 2.09 45.14
N ASP B 277 -15.42 3.26 45.38
CA ASP B 277 -16.08 4.51 45.01
C ASP B 277 -16.19 4.67 43.51
N TYR B 278 -15.32 4.01 42.74
CA TYR B 278 -15.31 4.14 41.29
C TYR B 278 -15.69 2.86 40.57
N PHE B 279 -15.42 1.70 41.15
CA PHE B 279 -15.86 0.41 40.60
C PHE B 279 -16.57 -0.37 41.69
N PRO B 280 -17.91 -0.34 41.74
CA PRO B 280 -18.61 -1.02 42.83
C PRO B 280 -18.39 -2.52 42.87
N GLU B 281 -18.03 -3.14 41.75
CA GLU B 281 -17.85 -4.59 41.70
C GLU B 281 -16.62 -5.06 42.48
N PHE B 282 -15.76 -4.14 42.91
CA PHE B 282 -14.60 -4.54 43.70
C PHE B 282 -14.99 -5.16 45.02
N ALA B 283 -16.18 -4.85 45.53
CA ALA B 283 -16.63 -5.44 46.78
C ALA B 283 -16.80 -6.94 46.66
N ARG B 284 -17.50 -7.40 45.61
CA ARG B 284 -17.69 -8.82 45.37
C ARG B 284 -16.68 -9.34 44.35
N TYR B 285 -15.41 -9.26 44.72
CA TYR B 285 -14.32 -9.73 43.87
C TYR B 285 -13.30 -10.47 44.72
N THR B 286 -12.68 -11.49 44.13
CA THR B 286 -11.68 -12.29 44.80
C THR B 286 -10.43 -12.41 43.94
N THR B 287 -9.29 -12.53 44.60
CA THR B 287 -8.02 -12.68 43.88
C THR B 287 -8.06 -13.91 42.99
N PRO B 288 -7.65 -13.81 41.73
CA PRO B 288 -7.68 -14.99 40.85
C PRO B 288 -6.71 -16.05 41.35
N GLU B 289 -7.09 -17.30 41.12
CA GLU B 289 -6.32 -18.42 41.65
C GLU B 289 -4.91 -18.47 41.08
N ASP B 290 -4.75 -18.17 39.79
CA ASP B 290 -3.46 -18.23 39.13
C ASP B 290 -2.58 -17.02 39.41
N ALA B 291 -2.92 -16.21 40.41
CA ALA B 291 -2.11 -15.06 40.74
C ALA B 291 -0.74 -15.49 41.26
N THR B 292 0.29 -14.74 40.87
CA THR B 292 1.67 -15.02 41.24
C THR B 292 2.23 -13.77 41.91
N PRO B 293 1.94 -13.58 43.19
CA PRO B 293 2.39 -12.36 43.86
C PRO B 293 3.91 -12.30 43.97
N GLU B 294 4.43 -11.08 43.88
CA GLU B 294 5.85 -10.86 44.13
C GLU B 294 6.14 -11.17 45.60
N PRO B 295 7.31 -11.73 45.89
CA PRO B 295 7.64 -12.02 47.30
C PRO B 295 7.58 -10.76 48.16
N GLY B 296 7.03 -10.92 49.36
CA GLY B 296 6.87 -9.80 50.27
C GLY B 296 5.89 -8.74 49.80
N GLU B 297 4.73 -9.15 49.31
CA GLU B 297 3.73 -8.23 48.80
C GLU B 297 2.40 -8.43 49.52
N ASP B 298 1.75 -7.33 49.85
CA ASP B 298 0.51 -7.38 50.62
C ASP B 298 -0.61 -8.02 49.78
N PRO B 299 -1.50 -8.79 50.40
CA PRO B 299 -2.65 -9.31 49.65
C PRO B 299 -3.54 -8.22 49.07
N ARG B 300 -3.69 -7.09 49.76
CA ARG B 300 -4.58 -6.04 49.28
C ARG B 300 -4.05 -5.43 47.99
N VAL B 301 -2.75 -5.16 47.91
CA VAL B 301 -2.20 -4.59 46.69
C VAL B 301 -2.25 -5.59 45.55
N THR B 302 -2.13 -6.88 45.86
CA THR B 302 -2.28 -7.90 44.81
C THR B 302 -3.72 -7.91 44.28
N ARG B 303 -4.70 -7.84 45.18
CA ARG B 303 -6.09 -7.78 44.75
C ARG B 303 -6.34 -6.54 43.90
N ALA B 304 -5.81 -5.39 44.32
CA ALA B 304 -6.02 -4.15 43.58
C ALA B 304 -5.35 -4.21 42.21
N LYS B 305 -4.15 -4.77 42.13
CA LYS B 305 -3.44 -4.80 40.85
C LYS B 305 -4.01 -5.84 39.91
N TYR B 306 -4.67 -6.87 40.43
CA TYR B 306 -5.29 -7.85 39.55
C TYR B 306 -6.71 -7.47 39.17
N PHE B 307 -7.38 -6.63 39.95
CA PHE B 307 -8.72 -6.18 39.56
C PHE B 307 -8.67 -5.39 38.26
N ILE B 308 -7.69 -4.50 38.12
CA ILE B 308 -7.58 -3.67 36.93
C ILE B 308 -7.26 -4.54 35.71
N ARG B 309 -6.35 -5.49 35.88
CA ARG B 309 -6.04 -6.42 34.79
C ARG B 309 -7.27 -7.21 34.39
N ASP B 310 -8.08 -7.61 35.37
CA ASP B 310 -9.30 -8.33 35.07
C ASP B 310 -10.27 -7.46 34.29
N GLU B 311 -10.38 -6.19 34.66
CA GLU B 311 -11.24 -5.26 33.92
C GLU B 311 -10.79 -5.14 32.48
N PHE B 312 -9.50 -5.01 32.24
CA PHE B 312 -9.02 -4.90 30.86
C PHE B 312 -9.22 -6.20 30.10
N LEU B 313 -8.98 -7.35 30.74
CA LEU B 313 -9.11 -8.61 30.03
C LEU B 313 -10.56 -8.97 29.76
N ARG B 314 -11.50 -8.43 30.53
CA ARG B 314 -12.90 -8.63 30.22
C ARG B 314 -13.26 -8.03 28.87
N ILE B 315 -12.76 -6.83 28.59
CA ILE B 315 -12.92 -6.25 27.26
C ILE B 315 -12.12 -7.04 26.24
N SER B 316 -10.93 -7.52 26.63
CA SER B 316 -10.07 -8.23 25.70
C SER B 316 -10.70 -9.51 25.18
N THR B 317 -11.45 -10.23 26.03
CA THR B 317 -11.97 -11.53 25.67
C THR B 317 -13.40 -11.51 25.16
N ALA B 318 -14.15 -10.43 25.41
CA ALA B 318 -15.54 -10.39 24.99
C ALA B 318 -15.72 -10.43 23.49
N SER B 319 -14.67 -10.11 22.72
CA SER B 319 -14.77 -10.10 21.27
C SER B 319 -13.38 -10.29 20.69
N GLY B 320 -13.35 -10.66 19.40
CA GLY B 320 -12.09 -10.83 18.71
C GLY B 320 -12.07 -12.04 17.81
N ASP B 321 -12.89 -13.04 18.13
CA ASP B 321 -13.00 -14.28 17.37
C ASP B 321 -11.67 -15.01 17.28
N GLY B 322 -10.77 -14.77 18.23
CA GLY B 322 -9.49 -15.45 18.25
C GLY B 322 -8.44 -14.91 17.32
N ARG B 323 -8.70 -13.79 16.64
CA ARG B 323 -7.74 -13.24 15.72
C ARG B 323 -6.66 -12.41 16.40
N HIS B 324 -6.88 -11.98 17.64
CA HIS B 324 -5.91 -11.15 18.33
C HIS B 324 -6.18 -11.20 19.83
N TYR B 325 -5.12 -11.01 20.62
CA TYR B 325 -5.18 -11.18 22.06
C TYR B 325 -4.47 -10.01 22.75
N CYS B 326 -4.68 -9.91 24.05
CA CYS B 326 -4.03 -8.91 24.88
C CYS B 326 -3.06 -9.59 25.84
N TYR B 327 -1.86 -9.04 25.96
CA TYR B 327 -0.82 -9.58 26.82
C TYR B 327 -0.54 -8.60 27.96
N PRO B 328 -1.07 -8.84 29.16
CA PRO B 328 -0.89 -7.89 30.25
C PRO B 328 0.48 -8.02 30.91
N HIS B 329 0.94 -6.90 31.47
CA HIS B 329 2.19 -6.86 32.20
C HIS B 329 2.13 -5.76 33.25
N PHE B 330 2.58 -6.06 34.45
CA PHE B 330 2.69 -5.07 35.51
C PHE B 330 4.10 -4.50 35.49
N THR B 331 4.21 -3.20 35.28
CA THR B 331 5.51 -2.55 35.16
C THR B 331 5.57 -1.31 36.02
N CYS B 332 6.77 -1.00 36.49
CA CYS B 332 7.08 0.18 37.28
C CYS B 332 7.95 1.11 36.45
N SER B 333 8.41 2.18 37.07
CA SER B 333 9.30 3.13 36.41
C SER B 333 10.77 2.74 36.54
N VAL B 334 11.08 1.66 37.25
CA VAL B 334 12.46 1.25 37.47
C VAL B 334 12.78 -0.08 36.82
N ASP B 335 11.82 -0.71 36.13
CA ASP B 335 12.08 -1.97 35.46
C ASP B 335 13.08 -1.78 34.32
N THR B 336 13.85 -2.84 34.04
CA THR B 336 14.83 -2.83 32.96
C THR B 336 14.59 -3.92 31.94
N GLU B 337 13.46 -4.62 32.02
CA GLU B 337 13.20 -5.80 31.20
C GLU B 337 11.89 -5.68 30.43
N ASN B 338 11.64 -4.52 29.84
CA ASN B 338 10.43 -4.34 29.06
C ASN B 338 10.64 -4.65 27.59
N ALA B 339 11.83 -4.37 27.06
CA ALA B 339 12.12 -4.71 25.67
C ALA B 339 12.06 -6.21 25.45
N ARG B 340 12.56 -6.99 26.41
CA ARG B 340 12.46 -8.44 26.31
C ARG B 340 11.01 -8.89 26.36
N ARG B 341 10.18 -8.22 27.16
CA ARG B 341 8.77 -8.56 27.20
C ARG B 341 8.09 -8.31 25.86
N ILE B 342 8.40 -7.19 25.22
CA ILE B 342 7.82 -6.90 23.92
C ILE B 342 8.32 -7.91 22.88
N PHE B 343 9.59 -8.29 22.97
CA PHE B 343 10.15 -9.30 22.08
C PHE B 343 9.42 -10.63 22.22
N ASN B 344 9.21 -11.05 23.47
CA ASN B 344 8.50 -12.31 23.72
C ASN B 344 7.06 -12.24 23.23
N ASP B 345 6.40 -11.10 23.45
CA ASP B 345 4.99 -11.00 23.05
C ASP B 345 4.85 -10.98 21.54
N CYS B 346 5.76 -10.31 20.83
CA CYS B 346 5.72 -10.32 19.37
C CYS B 346 6.00 -11.72 18.84
N ARG B 347 6.93 -12.45 19.47
CA ARG B 347 7.15 -13.84 19.11
C ARG B 347 5.87 -14.64 19.27
N ASP B 348 5.17 -14.46 20.39
CA ASP B 348 3.93 -15.19 20.62
C ASP B 348 2.87 -14.83 19.60
N ILE B 349 2.79 -13.55 19.22
CA ILE B 349 1.81 -13.12 18.23
C ILE B 349 2.07 -13.81 16.89
N ILE B 350 3.33 -13.81 16.46
CA ILE B 350 3.65 -14.40 15.16
C ILE B 350 3.45 -15.92 15.21
N GLN B 351 3.80 -16.55 16.34
CA GLN B 351 3.60 -17.98 16.49
C GLN B 351 2.12 -18.33 16.41
N ARG B 352 1.26 -17.57 17.09
CA ARG B 352 -0.16 -17.84 17.05
C ARG B 352 -0.71 -17.63 15.65
N MET B 353 -0.24 -16.58 14.96
CA MET B 353 -0.70 -16.33 13.60
C MET B 353 -0.37 -17.50 12.69
N HIS B 354 0.89 -17.95 12.72
CA HIS B 354 1.28 -19.05 11.84
C HIS B 354 0.61 -20.35 12.25
N LEU B 355 0.36 -20.56 13.55
CA LEU B 355 -0.37 -21.75 13.97
C LEU B 355 -1.79 -21.75 13.44
N ARG B 356 -2.47 -20.60 13.52
CA ARG B 356 -3.82 -20.53 12.99
C ARG B 356 -3.86 -20.68 11.48
N GLN B 357 -2.83 -20.18 10.80
CA GLN B 357 -2.74 -20.37 9.35
C GLN B 357 -2.64 -21.85 8.99
N TYR B 358 -1.85 -22.61 9.74
CA TYR B 358 -1.65 -24.03 9.50
C TYR B 358 -2.76 -24.89 10.09
N GLU B 359 -3.73 -24.27 10.77
CA GLU B 359 -4.89 -24.97 11.32
C GLU B 359 -4.49 -25.99 12.37
N LEU B 360 -3.43 -25.72 13.12
CA LEU B 360 -3.07 -26.50 14.29
C LEU B 360 -3.57 -25.87 15.57
N LEU B 361 -4.34 -24.78 15.49
CA LEU B 361 -4.80 -24.08 16.67
C LEU B 361 -6.20 -23.52 16.45
N LEU C 9 -24.48 36.81 26.64
CA LEU C 9 -23.88 36.01 25.58
C LEU C 9 -24.94 35.24 24.81
N ASP C 10 -26.08 34.98 25.45
CA ASP C 10 -27.12 34.18 24.83
C ASP C 10 -27.68 34.83 23.58
N GLN C 11 -27.66 36.17 23.51
CA GLN C 11 -28.13 36.85 22.31
C GLN C 11 -27.32 36.47 21.09
N LEU C 12 -26.04 36.13 21.28
CA LEU C 12 -25.24 35.63 20.16
C LEU C 12 -25.79 34.31 19.65
N ARG C 13 -26.17 33.41 20.55
CA ARG C 13 -26.78 32.15 20.13
C ARG C 13 -28.11 32.38 19.44
N GLN C 14 -28.90 33.33 19.95
CA GLN C 14 -30.18 33.64 19.31
C GLN C 14 -29.96 34.19 17.91
N GLU C 15 -28.97 35.08 17.74
CA GLU C 15 -28.67 35.61 16.42
C GLU C 15 -28.19 34.50 15.48
N ALA C 16 -27.36 33.59 15.98
CA ALA C 16 -26.90 32.48 15.15
C ALA C 16 -28.08 31.62 14.69
N GLU C 17 -29.01 31.33 15.60
CA GLU C 17 -30.19 30.55 15.24
C GLU C 17 -31.05 31.29 14.22
N GLN C 18 -31.18 32.61 14.39
CA GLN C 18 -31.99 33.40 13.45
C GLN C 18 -31.39 33.38 12.05
N LEU C 19 -30.07 33.59 11.96
CA LEU C 19 -29.41 33.53 10.66
C LEU C 19 -29.49 32.13 10.05
N LYS C 20 -29.38 31.09 10.87
CA LYS C 20 -29.52 29.74 10.36
C LYS C 20 -30.92 29.51 9.80
N ASN C 21 -31.94 30.00 10.49
CA ASN C 21 -33.30 29.88 9.99
C ASN C 21 -33.48 30.63 8.68
N GLN C 22 -32.88 31.82 8.58
CA GLN C 22 -32.97 32.58 7.33
C GLN C 22 -32.29 31.83 6.19
N ILE C 23 -31.12 31.24 6.45
CA ILE C 23 -30.42 30.47 5.43
C ILE C 23 -31.25 29.27 4.98
N ARG C 24 -31.85 28.56 5.93
CA ARG C 24 -32.67 27.42 5.57
C ARG C 24 -33.90 27.85 4.78
N ASP C 25 -34.49 28.99 5.14
CA ASP C 25 -35.65 29.50 4.40
C ASP C 25 -35.25 29.85 2.97
N ALA C 26 -34.10 30.49 2.79
CA ALA C 26 -33.64 30.81 1.44
C ALA C 26 -33.40 29.54 0.62
N ARG C 27 -32.79 28.53 1.24
CA ARG C 27 -32.57 27.27 0.54
C ARG C 27 -33.88 26.63 0.15
N LYS C 28 -34.88 26.65 1.02
CA LYS C 28 -36.19 26.12 0.68
C LYS C 28 -36.81 26.90 -0.47
N ALA C 29 -36.68 28.22 -0.44
CA ALA C 29 -37.27 29.05 -1.49
C ALA C 29 -36.65 28.74 -2.85
N CYS C 30 -35.32 28.60 -2.90
CA CYS C 30 -34.68 28.38 -4.19
C CYS C 30 -34.82 26.96 -4.72
N ALA C 31 -35.31 26.02 -3.91
CA ALA C 31 -35.41 24.62 -4.32
C ALA C 31 -36.77 24.40 -4.99
N ASP C 32 -36.87 24.87 -6.23
CA ASP C 32 -38.14 24.77 -6.96
C ASP C 32 -38.42 23.35 -7.45
N ALA C 33 -37.41 22.66 -7.94
CA ALA C 33 -37.59 21.31 -8.46
C ALA C 33 -36.34 20.49 -8.22
N THR C 34 -36.54 19.21 -7.90
CA THR C 34 -35.44 18.30 -7.65
C THR C 34 -34.70 17.99 -8.94
N LEU C 35 -33.41 17.66 -8.80
CA LEU C 35 -32.60 17.29 -9.95
C LEU C 35 -33.11 16.03 -10.61
N SER C 36 -33.55 15.05 -9.82
CA SER C 36 -34.00 13.77 -10.37
C SER C 36 -35.23 13.96 -11.27
N GLN C 37 -36.16 14.81 -10.86
CA GLN C 37 -37.37 15.03 -11.65
C GLN C 37 -37.04 15.61 -13.02
N ILE C 38 -36.10 16.55 -13.07
CA ILE C 38 -35.69 17.12 -14.35
C ILE C 38 -35.00 16.07 -15.21
N THR C 39 -34.15 15.25 -14.60
CA THR C 39 -33.40 14.23 -15.33
C THR C 39 -34.21 12.96 -15.57
N ASN C 40 -35.53 13.02 -15.45
CA ASN C 40 -36.34 11.81 -15.59
C ASN C 40 -36.31 11.26 -17.01
N ASN C 41 -36.29 12.12 -18.01
CA ASN C 41 -36.38 11.67 -19.40
C ASN C 41 -35.02 11.45 -20.05
N ILE C 42 -33.92 11.78 -19.37
CA ILE C 42 -32.60 11.60 -19.95
C ILE C 42 -32.33 10.12 -20.17
N ASP C 43 -31.74 9.80 -21.31
CA ASP C 43 -31.43 8.42 -21.65
C ASP C 43 -30.46 7.85 -20.62
N PRO C 44 -30.81 6.74 -19.96
CA PRO C 44 -29.89 6.17 -18.97
C PRO C 44 -28.66 5.59 -19.63
N VAL C 45 -27.51 5.75 -18.96
CA VAL C 45 -26.28 5.16 -19.45
C VAL C 45 -26.36 3.65 -19.31
N GLY C 46 -25.65 2.94 -20.18
CA GLY C 46 -25.63 1.50 -20.13
C GLY C 46 -24.85 0.99 -18.94
N ARG C 47 -24.57 -0.31 -18.98
CA ARG C 47 -23.76 -0.95 -17.95
C ARG C 47 -22.30 -0.77 -18.33
N ILE C 48 -21.63 0.20 -17.71
CA ILE C 48 -20.23 0.46 -18.00
C ILE C 48 -19.38 -0.62 -17.35
N GLN C 49 -18.47 -1.19 -18.13
CA GLN C 49 -17.57 -2.22 -17.64
C GLN C 49 -16.14 -1.90 -18.05
N MET C 50 -15.20 -2.18 -17.16
CA MET C 50 -13.80 -1.85 -17.35
C MET C 50 -12.96 -3.09 -17.06
N ARG C 51 -11.83 -3.22 -17.74
CA ARG C 51 -11.14 -4.51 -17.82
C ARG C 51 -9.65 -4.38 -17.53
N THR C 52 -9.30 -3.58 -16.52
CA THR C 52 -8.00 -3.63 -15.82
C THR C 52 -6.83 -3.87 -16.77
N ARG C 53 -6.59 -2.89 -17.66
CA ARG C 53 -5.51 -2.99 -18.63
C ARG C 53 -4.16 -3.29 -17.99
N ARG C 54 -3.67 -2.38 -17.15
CA ARG C 54 -2.37 -2.55 -16.50
C ARG C 54 -2.54 -2.69 -15.00
N THR C 55 -1.74 -3.55 -14.41
CA THR C 55 -1.60 -3.67 -12.96
C THR C 55 -0.18 -3.29 -12.60
N LEU C 56 -0.04 -2.30 -11.72
CA LEU C 56 1.26 -1.75 -11.38
C LEU C 56 1.70 -2.31 -10.03
N ARG C 57 2.88 -2.91 -9.99
CA ARG C 57 3.34 -3.67 -8.85
C ARG C 57 4.74 -3.24 -8.46
N GLY C 58 5.01 -3.25 -7.15
CA GLY C 58 6.31 -2.85 -6.66
C GLY C 58 6.29 -2.13 -5.33
N HIS C 59 5.12 -1.74 -4.85
CA HIS C 59 4.99 -1.14 -3.54
C HIS C 59 4.96 -2.22 -2.47
N LEU C 60 5.67 -1.99 -1.37
CA LEU C 60 5.83 -3.00 -0.33
C LEU C 60 4.69 -2.99 0.69
N ALA C 61 3.86 -1.96 0.71
CA ALA C 61 2.86 -1.83 1.77
C ALA C 61 1.64 -1.10 1.19
N LYS C 62 0.80 -0.59 2.08
CA LYS C 62 -0.45 0.07 1.71
C LYS C 62 -0.19 1.24 0.78
N ILE C 63 -1.23 1.64 0.05
CA ILE C 63 -1.19 2.81 -0.83
C ILE C 63 -2.32 3.74 -0.40
N TYR C 64 -1.99 4.98 -0.04
CA TYR C 64 -3.01 5.96 0.27
C TYR C 64 -3.28 6.96 -0.84
N ALA C 65 -2.27 7.41 -1.58
CA ALA C 65 -2.48 8.49 -2.51
C ALA C 65 -1.84 8.19 -3.86
N MET C 66 -2.50 8.66 -4.91
CA MET C 66 -1.99 8.67 -6.26
C MET C 66 -2.37 9.99 -6.90
N HIS C 67 -1.57 10.42 -7.87
CA HIS C 67 -1.92 11.61 -8.65
C HIS C 67 -1.39 11.43 -10.06
N TRP C 68 -2.24 11.73 -11.04
CA TRP C 68 -1.82 11.70 -12.43
C TRP C 68 -1.01 12.94 -12.79
N GLY C 69 -0.31 12.86 -13.90
CA GLY C 69 0.30 14.03 -14.47
C GLY C 69 -0.65 14.80 -15.34
N THR C 70 -0.18 15.95 -15.83
CA THR C 70 -0.96 16.71 -16.78
C THR C 70 -0.92 16.09 -18.17
N ASP C 71 0.03 15.21 -18.44
CA ASP C 71 0.15 14.54 -19.72
C ASP C 71 -0.60 13.21 -19.77
N SER C 72 -1.24 12.81 -18.67
CA SER C 72 -2.03 11.58 -18.60
C SER C 72 -1.18 10.34 -18.88
N ARG C 73 0.11 10.40 -18.61
CA ARG C 73 0.97 9.24 -18.76
C ARG C 73 1.80 8.95 -17.52
N LEU C 74 2.29 9.99 -16.84
CA LEU C 74 3.08 9.80 -15.64
C LEU C 74 2.18 9.79 -14.42
N LEU C 75 2.65 9.16 -13.35
CA LEU C 75 1.78 8.83 -12.23
C LEU C 75 2.61 8.69 -10.96
N VAL C 76 2.20 9.37 -9.90
CA VAL C 76 2.89 9.30 -8.62
C VAL C 76 2.04 8.47 -7.67
N SER C 77 2.70 7.85 -6.70
CA SER C 77 2.02 7.01 -5.72
C SER C 77 2.75 7.10 -4.39
N ALA C 78 1.99 7.12 -3.30
CA ALA C 78 2.53 7.20 -1.94
C ALA C 78 2.17 5.93 -1.19
N SER C 79 3.17 5.32 -0.55
CA SER C 79 2.97 4.10 0.19
C SER C 79 3.62 4.24 1.57
N GLN C 80 3.10 3.47 2.53
CA GLN C 80 3.61 3.51 3.88
C GLN C 80 4.82 2.62 4.10
N ASP C 81 5.46 2.18 3.02
CA ASP C 81 6.80 1.63 3.11
C ASP C 81 7.86 2.71 3.04
N GLY C 82 7.49 3.93 2.67
CA GLY C 82 8.41 5.04 2.58
C GLY C 82 8.92 5.26 1.18
N LYS C 83 8.07 5.07 0.18
CA LYS C 83 8.46 5.20 -1.22
C LYS C 83 7.42 6.02 -1.98
N LEU C 84 7.90 6.93 -2.82
CA LEU C 84 7.12 7.51 -3.90
C LEU C 84 7.64 6.97 -5.21
N ILE C 85 6.74 6.48 -6.06
CA ILE C 85 7.12 5.89 -7.34
C ILE C 85 6.45 6.67 -8.45
N ILE C 86 7.22 7.05 -9.47
CA ILE C 86 6.70 7.69 -10.66
C ILE C 86 6.61 6.63 -11.75
N TRP C 87 5.39 6.35 -12.19
CA TRP C 87 5.13 5.28 -13.14
C TRP C 87 4.98 5.82 -14.55
N ASP C 88 5.33 5.00 -15.52
CA ASP C 88 4.97 5.21 -16.92
C ASP C 88 3.82 4.25 -17.21
N SER C 89 2.59 4.79 -17.19
CA SER C 89 1.41 3.96 -17.28
C SER C 89 1.34 3.19 -18.59
N TYR C 90 1.89 3.76 -19.66
CA TYR C 90 1.80 3.11 -20.97
C TYR C 90 2.65 1.85 -21.04
N THR C 91 3.71 1.78 -20.23
CA THR C 91 4.69 0.73 -20.35
C THR C 91 4.87 -0.09 -19.07
N THR C 92 4.35 0.38 -17.94
CA THR C 92 4.48 -0.21 -16.61
C THR C 92 5.91 -0.04 -16.10
N ASN C 93 6.69 0.85 -16.72
CA ASN C 93 8.03 1.12 -16.25
C ASN C 93 8.01 1.96 -14.99
N LYS C 94 9.11 1.90 -14.25
CA LYS C 94 9.32 2.75 -13.07
C LYS C 94 10.33 3.83 -13.41
N VAL C 95 9.88 5.08 -13.45
CA VAL C 95 10.77 6.18 -13.77
C VAL C 95 11.62 6.56 -12.57
N HIS C 96 10.99 6.76 -11.42
CA HIS C 96 11.69 7.23 -10.23
C HIS C 96 11.22 6.44 -9.02
N ALA C 97 12.08 6.38 -8.02
CA ALA C 97 11.76 5.77 -6.72
C ALA C 97 12.37 6.68 -5.66
N ILE C 98 11.52 7.46 -4.99
CA ILE C 98 11.95 8.51 -4.07
C ILE C 98 11.69 8.03 -2.65
N PRO C 99 12.72 7.73 -1.86
CA PRO C 99 12.49 7.36 -0.46
C PRO C 99 12.24 8.58 0.41
N LEU C 100 11.23 8.48 1.26
CA LEU C 100 10.83 9.57 2.12
C LEU C 100 11.50 9.47 3.48
N ARG C 101 11.63 10.63 4.15
CA ARG C 101 12.18 10.65 5.49
C ARG C 101 11.24 10.01 6.50
N SER C 102 9.94 10.25 6.34
CA SER C 102 8.91 9.69 7.22
C SER C 102 8.07 8.71 6.44
N SER C 103 7.82 7.54 7.03
CA SER C 103 7.12 6.47 6.34
C SER C 103 5.60 6.64 6.35
N TRP C 104 5.06 7.51 7.20
CA TRP C 104 3.61 7.60 7.36
C TRP C 104 3.04 8.69 6.46
N VAL C 105 3.23 8.51 5.16
CA VAL C 105 2.74 9.44 4.17
C VAL C 105 1.25 9.18 3.95
N MET C 106 0.48 10.25 3.82
CA MET C 106 -0.95 10.16 3.64
C MET C 106 -1.47 10.84 2.39
N THR C 107 -0.63 11.59 1.68
CA THR C 107 -1.04 12.24 0.46
C THR C 107 0.16 12.45 -0.45
N CYS C 108 -0.12 12.64 -1.74
CA CYS C 108 0.91 13.00 -2.69
C CYS C 108 0.29 13.86 -3.78
N ALA C 109 1.12 14.67 -4.42
CA ALA C 109 0.69 15.55 -5.49
C ALA C 109 1.77 15.56 -6.57
N TYR C 110 1.34 15.76 -7.81
CA TYR C 110 2.25 15.85 -8.94
C TYR C 110 2.02 17.23 -9.55
N ALA C 111 3.07 18.04 -9.62
CA ALA C 111 2.91 19.42 -10.03
C ALA C 111 2.41 19.50 -11.47
N PRO C 112 1.64 20.54 -11.82
CA PRO C 112 1.13 20.65 -13.19
C PRO C 112 2.22 20.71 -14.24
N SER C 113 3.36 21.33 -13.93
CA SER C 113 4.45 21.43 -14.89
C SER C 113 5.29 20.16 -14.96
N GLY C 114 5.17 19.26 -13.99
CA GLY C 114 5.91 18.02 -14.00
C GLY C 114 7.23 18.05 -13.28
N ASN C 115 7.66 19.21 -12.78
CA ASN C 115 9.00 19.35 -12.21
C ASN C 115 9.04 19.05 -10.73
N TYR C 116 7.91 18.87 -10.06
CA TYR C 116 7.89 18.67 -8.63
C TYR C 116 6.83 17.65 -8.25
N VAL C 117 7.05 16.98 -7.12
CA VAL C 117 6.04 16.16 -6.46
C VAL C 117 6.03 16.52 -4.99
N ALA C 118 4.90 16.28 -4.35
CA ALA C 118 4.73 16.58 -2.94
C ALA C 118 4.29 15.33 -2.19
N CYS C 119 4.54 15.34 -0.89
CA CYS C 119 4.14 14.25 -0.01
C CYS C 119 4.02 14.78 1.41
N GLY C 120 3.34 14.02 2.25
CA GLY C 120 3.13 14.44 3.62
C GLY C 120 2.28 13.42 4.35
N GLY C 121 2.20 13.59 5.66
CA GLY C 121 1.47 12.63 6.47
C GLY C 121 1.48 12.92 7.95
N LEU C 122 1.70 11.88 8.75
CA LEU C 122 1.67 12.05 10.20
C LEU C 122 2.75 13.02 10.66
N ASP C 123 3.94 12.92 10.10
CA ASP C 123 4.88 14.01 10.18
C ASP C 123 4.27 15.21 9.47
N ASN C 124 4.04 16.29 10.22
CA ASN C 124 3.19 17.37 9.69
C ASN C 124 3.85 18.13 8.55
N ILE C 125 4.99 17.68 8.07
CA ILE C 125 5.72 18.39 7.03
C ILE C 125 5.12 18.04 5.68
N CYS C 126 5.12 19.02 4.77
CA CYS C 126 4.84 18.79 3.36
C CYS C 126 6.13 19.01 2.59
N SER C 127 6.59 17.99 1.88
CA SER C 127 7.91 17.99 1.27
C SER C 127 7.80 18.07 -0.24
N ILE C 128 8.51 19.03 -0.83
CA ILE C 128 8.55 19.21 -2.28
C ILE C 128 9.84 18.61 -2.80
N TYR C 129 9.74 17.75 -3.81
CA TYR C 129 10.89 17.06 -4.38
C TYR C 129 11.15 17.55 -5.79
N ASN C 130 12.39 17.96 -6.04
CA ASN C 130 12.79 18.45 -7.35
C ASN C 130 13.10 17.26 -8.25
N LEU C 131 12.37 17.16 -9.35
CA LEU C 131 12.48 15.99 -10.23
C LEU C 131 13.49 16.19 -11.35
N LYS C 132 13.65 17.41 -11.84
CA LYS C 132 14.49 17.70 -12.99
C LYS C 132 15.71 18.48 -12.49
N THR C 133 16.78 17.76 -12.20
CA THR C 133 18.00 18.32 -11.64
C THR C 133 19.16 18.05 -12.59
N ARG C 134 20.12 18.96 -12.61
CA ARG C 134 21.34 18.77 -13.39
C ARG C 134 22.26 17.71 -12.80
N GLU C 135 21.87 17.08 -11.69
CA GLU C 135 22.68 16.05 -11.06
C GLU C 135 22.14 14.64 -11.27
N GLY C 136 20.87 14.50 -11.63
CA GLY C 136 20.31 13.23 -12.02
C GLY C 136 19.45 12.56 -10.96
N ASN C 137 19.60 12.93 -9.69
CA ASN C 137 18.79 12.38 -8.63
C ASN C 137 17.62 13.30 -8.31
N VAL C 138 16.74 12.82 -7.43
CA VAL C 138 15.61 13.59 -6.94
C VAL C 138 15.95 14.06 -5.53
N ARG C 139 15.98 15.37 -5.33
CA ARG C 139 16.33 15.96 -4.04
C ARG C 139 15.12 16.61 -3.41
N VAL C 140 15.12 16.66 -2.08
CA VAL C 140 14.13 17.45 -1.36
C VAL C 140 14.43 18.92 -1.57
N SER C 141 13.42 19.69 -1.95
CA SER C 141 13.59 21.10 -2.23
C SER C 141 13.23 21.99 -1.05
N ARG C 142 12.00 21.87 -0.54
CA ARG C 142 11.56 22.59 0.64
C ARG C 142 10.91 21.62 1.61
N GLU C 143 10.67 22.11 2.82
CA GLU C 143 9.97 21.33 3.85
C GLU C 143 9.07 22.30 4.61
N LEU C 144 7.82 22.40 4.18
CA LEU C 144 6.88 23.31 4.81
C LEU C 144 6.53 22.80 6.21
N ALA C 145 6.69 23.67 7.21
CA ALA C 145 6.72 23.24 8.60
C ALA C 145 5.88 24.07 9.56
N GLY C 146 4.62 24.33 9.25
CA GLY C 146 3.82 25.15 10.15
C GLY C 146 2.47 24.59 10.52
N HIS C 147 2.26 23.29 10.31
CA HIS C 147 1.00 22.63 10.61
C HIS C 147 1.12 21.91 11.94
N THR C 148 0.06 22.01 12.76
CA THR C 148 0.03 21.35 14.06
C THR C 148 -0.86 20.11 14.04
N GLY C 149 -0.86 19.38 12.93
CA GLY C 149 -1.63 18.16 12.80
C GLY C 149 -1.20 17.46 11.53
N TYR C 150 -1.64 16.21 11.38
CA TYR C 150 -1.26 15.43 10.23
C TYR C 150 -1.77 16.11 8.96
N LEU C 151 -1.05 15.88 7.86
CA LEU C 151 -1.33 16.56 6.61
C LEU C 151 -1.97 15.54 5.66
N SER C 152 -3.25 15.76 5.33
CA SER C 152 -4.05 14.77 4.63
C SER C 152 -4.18 15.02 3.14
N CYS C 153 -3.96 16.24 2.66
CA CYS C 153 -4.04 16.50 1.23
C CYS C 153 -3.20 17.72 0.90
N CYS C 154 -2.61 17.70 -0.30
CA CYS C 154 -1.83 18.81 -0.81
C CYS C 154 -1.98 18.84 -2.32
N ARG C 155 -2.25 20.04 -2.87
CA ARG C 155 -2.43 20.20 -4.30
C ARG C 155 -1.73 21.47 -4.75
N PHE C 156 -1.00 21.37 -5.86
CA PHE C 156 -0.25 22.50 -6.40
C PHE C 156 -1.16 23.45 -7.15
N LEU C 157 -0.83 24.74 -7.10
CA LEU C 157 -1.40 25.73 -8.00
C LEU C 157 -0.43 26.12 -9.10
N ASP C 158 0.81 26.41 -8.71
CA ASP C 158 1.89 26.69 -9.63
C ASP C 158 3.12 25.93 -9.13
N ASP C 159 4.28 26.24 -9.69
CA ASP C 159 5.52 25.67 -9.18
C ASP C 159 5.99 26.33 -7.89
N ASN C 160 5.35 27.42 -7.48
CA ASN C 160 5.73 28.13 -6.27
C ASN C 160 4.65 28.19 -5.22
N GLN C 161 3.40 27.89 -5.55
CA GLN C 161 2.28 27.94 -4.60
C GLN C 161 1.70 26.54 -4.44
N ILE C 162 1.51 26.13 -3.20
CA ILE C 162 0.87 24.86 -2.88
C ILE C 162 -0.20 25.11 -1.82
N VAL C 163 -1.23 24.28 -1.82
CA VAL C 163 -2.33 24.38 -0.87
C VAL C 163 -2.42 23.06 -0.12
N THR C 164 -2.41 23.14 1.20
CA THR C 164 -2.37 21.96 2.06
C THR C 164 -3.58 21.93 2.98
N SER C 165 -3.91 20.73 3.45
CA SER C 165 -4.96 20.52 4.42
C SER C 165 -4.41 19.66 5.54
N SER C 166 -4.85 19.93 6.77
CA SER C 166 -4.25 19.32 7.94
C SER C 166 -5.32 18.80 8.88
N GLY C 167 -4.91 17.87 9.74
CA GLY C 167 -5.80 17.43 10.81
C GLY C 167 -6.12 18.55 11.77
N ASP C 168 -5.15 19.42 12.03
CA ASP C 168 -5.46 20.74 12.56
C ASP C 168 -6.53 21.38 11.71
N THR C 169 -7.58 21.87 12.34
CA THR C 169 -8.81 22.23 11.63
C THR C 169 -8.56 23.49 10.80
N THR C 170 -7.69 23.34 9.79
CA THR C 170 -7.26 24.49 8.99
C THR C 170 -6.55 24.07 7.71
N CYS C 171 -6.75 24.85 6.65
CA CYS C 171 -6.02 24.73 5.41
C CYS C 171 -5.04 25.90 5.29
N ALA C 172 -4.11 25.78 4.35
CA ALA C 172 -3.07 26.79 4.21
C ALA C 172 -2.71 26.96 2.75
N LEU C 173 -2.05 28.07 2.44
CA LEU C 173 -1.54 28.35 1.10
C LEU C 173 -0.10 28.82 1.26
N TRP C 174 0.84 27.95 0.94
CA TRP C 174 2.25 28.24 1.19
C TRP C 174 2.88 28.92 -0.02
N ASP C 175 4.07 29.48 0.21
CA ASP C 175 4.93 30.01 -0.83
C ASP C 175 6.21 29.19 -0.80
N ILE C 176 6.40 28.34 -1.82
CA ILE C 176 7.43 27.32 -1.75
C ILE C 176 8.82 27.93 -1.64
N GLU C 177 9.09 28.98 -2.43
CA GLU C 177 10.41 29.59 -2.41
C GLU C 177 10.72 30.17 -1.04
N THR C 178 9.77 30.89 -0.44
CA THR C 178 9.98 31.46 0.88
C THR C 178 9.88 30.40 1.98
N GLY C 179 8.91 29.50 1.87
CA GLY C 179 8.68 28.50 2.90
C GLY C 179 7.76 28.96 4.00
N GLN C 180 7.01 30.04 3.79
CA GLN C 180 6.15 30.61 4.80
C GLN C 180 4.70 30.58 4.33
N GLN C 181 3.79 30.44 5.29
CA GLN C 181 2.37 30.49 4.98
C GLN C 181 2.00 31.87 4.46
N THR C 182 1.23 31.92 3.39
CA THR C 182 0.76 33.19 2.88
C THR C 182 -0.66 33.47 3.35
N THR C 183 -1.49 32.44 3.49
CA THR C 183 -2.84 32.60 4.01
C THR C 183 -3.21 31.32 4.73
N THR C 184 -3.84 31.47 5.89
CA THR C 184 -4.38 30.34 6.65
C THR C 184 -5.89 30.46 6.69
N PHE C 185 -6.58 29.35 6.42
CA PHE C 185 -8.02 29.28 6.41
C PHE C 185 -8.48 28.57 7.67
N THR C 186 -9.32 29.22 8.47
CA THR C 186 -9.56 28.83 9.85
C THR C 186 -11.05 28.80 10.17
N GLY C 187 -11.84 28.16 9.31
CA GLY C 187 -13.27 28.11 9.54
C GLY C 187 -13.84 26.79 10.04
N HIS C 188 -13.12 25.69 9.83
CA HIS C 188 -13.69 24.38 10.13
C HIS C 188 -13.62 24.08 11.62
N THR C 189 -14.27 22.97 12.01
CA THR C 189 -14.27 22.49 13.38
C THR C 189 -13.85 21.03 13.50
N GLY C 190 -13.27 20.44 12.45
CA GLY C 190 -12.81 19.07 12.50
C GLY C 190 -11.61 18.88 11.59
N ASP C 191 -11.14 17.64 11.53
CA ASP C 191 -9.96 17.31 10.73
C ASP C 191 -10.30 17.37 9.24
N VAL C 192 -9.68 18.30 8.53
CA VAL C 192 -9.85 18.39 7.08
C VAL C 192 -9.21 17.18 6.43
N MET C 193 -10.00 16.42 5.67
CA MET C 193 -9.55 15.16 5.13
C MET C 193 -9.22 15.19 3.64
N SER C 194 -9.87 16.06 2.87
CA SER C 194 -9.63 16.09 1.43
C SER C 194 -9.60 17.54 0.97
N LEU C 195 -9.33 17.72 -0.33
CA LEU C 195 -9.04 19.03 -0.88
C LEU C 195 -9.12 18.93 -2.39
N SER C 196 -9.84 19.87 -3.01
CA SER C 196 -10.01 19.83 -4.46
C SER C 196 -9.89 21.25 -5.01
N LEU C 197 -8.92 21.46 -5.88
CA LEU C 197 -8.73 22.75 -6.53
C LEU C 197 -9.66 22.87 -7.72
N ALA C 198 -10.23 24.06 -7.90
CA ALA C 198 -11.15 24.29 -8.98
C ALA C 198 -10.40 24.40 -10.30
N PRO C 199 -11.09 24.15 -11.42
CA PRO C 199 -10.43 24.26 -12.73
C PRO C 199 -9.81 25.62 -13.00
N ASP C 200 -10.44 26.70 -12.51
CA ASP C 200 -9.91 28.03 -12.73
C ASP C 200 -8.82 28.42 -11.73
N THR C 201 -8.62 27.63 -10.68
CA THR C 201 -7.58 27.84 -9.68
C THR C 201 -7.68 29.21 -9.01
N ARG C 202 -8.92 29.66 -8.76
CA ARG C 202 -9.15 30.75 -7.83
C ARG C 202 -10.02 30.38 -6.64
N LEU C 203 -10.61 29.19 -6.61
CA LEU C 203 -11.37 28.72 -5.47
C LEU C 203 -11.02 27.26 -5.23
N PHE C 204 -11.43 26.76 -4.06
CA PHE C 204 -11.24 25.34 -3.74
C PHE C 204 -12.15 24.98 -2.57
N VAL C 205 -12.31 23.67 -2.36
CA VAL C 205 -13.23 23.12 -1.37
C VAL C 205 -12.51 22.12 -0.49
N SER C 206 -13.12 21.83 0.66
CA SER C 206 -12.55 20.91 1.63
C SER C 206 -13.66 20.35 2.51
N GLY C 207 -13.53 19.08 2.88
CA GLY C 207 -14.44 18.43 3.83
C GLY C 207 -13.65 17.98 5.06
N ALA C 208 -14.21 18.26 6.24
CA ALA C 208 -13.38 18.34 7.44
C ALA C 208 -14.00 17.66 8.66
N CYS C 209 -14.50 16.43 8.48
CA CYS C 209 -14.90 15.59 9.62
C CYS C 209 -15.90 16.27 10.55
N ASP C 210 -16.72 17.16 10.00
CA ASP C 210 -17.82 17.75 10.74
C ASP C 210 -19.11 17.68 9.93
N ALA C 211 -19.16 16.79 8.93
CA ALA C 211 -20.29 16.67 8.01
C ALA C 211 -20.56 17.99 7.31
N SER C 212 -19.49 18.68 6.92
CA SER C 212 -19.63 19.95 6.23
C SER C 212 -18.47 20.15 5.27
N ALA C 213 -18.71 20.98 4.26
CA ALA C 213 -17.70 21.36 3.29
C ALA C 213 -17.74 22.86 3.09
N LYS C 214 -16.61 23.45 2.71
CA LYS C 214 -16.51 24.89 2.63
C LYS C 214 -15.75 25.31 1.39
N LEU C 215 -16.25 26.36 0.73
CA LEU C 215 -15.64 26.96 -0.45
C LEU C 215 -14.82 28.16 -0.01
N TRP C 216 -13.52 28.15 -0.32
CA TRP C 216 -12.62 29.22 0.06
C TRP C 216 -12.17 29.98 -1.17
N ASP C 217 -11.80 31.24 -0.97
CA ASP C 217 -11.21 32.09 -1.99
C ASP C 217 -9.72 32.24 -1.69
N VAL C 218 -8.88 31.88 -2.65
CA VAL C 218 -7.45 31.76 -2.40
C VAL C 218 -6.84 33.12 -2.07
N ARG C 219 -7.23 34.17 -2.79
CA ARG C 219 -6.63 35.47 -2.57
C ARG C 219 -7.01 36.05 -1.21
N GLU C 220 -8.30 36.03 -0.89
CA GLU C 220 -8.76 36.73 0.30
C GLU C 220 -8.43 35.96 1.57
N GLY C 221 -8.98 34.76 1.72
CA GLY C 221 -8.77 33.96 2.90
C GLY C 221 -9.99 33.71 3.73
N MET C 222 -11.18 33.72 3.13
CA MET C 222 -12.42 33.63 3.86
C MET C 222 -13.31 32.55 3.26
N CYS C 223 -14.23 32.06 4.07
CA CYS C 223 -15.15 31.00 3.65
C CYS C 223 -16.31 31.60 2.89
N ARG C 224 -16.43 31.27 1.61
CA ARG C 224 -17.51 31.82 0.80
C ARG C 224 -18.85 31.21 1.20
N GLN C 225 -18.98 29.89 1.10
CA GLN C 225 -20.21 29.20 1.44
C GLN C 225 -19.90 28.00 2.31
N THR C 226 -20.94 27.44 2.92
CA THR C 226 -20.81 26.26 3.77
C THR C 226 -21.95 25.31 3.46
N PHE C 227 -21.62 24.03 3.29
CA PHE C 227 -22.58 23.01 2.87
C PHE C 227 -22.66 21.96 3.96
N THR C 228 -23.87 21.71 4.45
CA THR C 228 -24.09 20.92 5.66
C THR C 228 -25.17 19.87 5.45
N GLY C 229 -25.05 19.11 4.37
CA GLY C 229 -26.03 18.07 4.11
C GLY C 229 -25.71 16.71 4.68
N HIS C 230 -24.43 16.42 4.92
CA HIS C 230 -24.00 15.09 5.27
C HIS C 230 -24.35 14.75 6.72
N GLU C 231 -24.01 13.53 7.12
CA GLU C 231 -24.30 13.02 8.45
C GLU C 231 -23.08 12.69 9.28
N SER C 232 -21.97 12.32 8.65
CA SER C 232 -20.77 11.92 9.35
C SER C 232 -19.57 12.52 8.61
N ASP C 233 -18.38 12.03 8.93
CA ASP C 233 -17.15 12.62 8.42
C ASP C 233 -17.10 12.57 6.90
N ILE C 234 -16.58 13.63 6.30
CA ILE C 234 -16.38 13.70 4.86
C ILE C 234 -14.95 13.28 4.56
N ASN C 235 -14.78 12.33 3.64
CA ASN C 235 -13.47 11.76 3.35
C ASN C 235 -12.87 12.23 2.04
N ALA C 236 -13.67 12.40 0.99
CA ALA C 236 -13.16 12.79 -0.31
C ALA C 236 -14.02 13.89 -0.89
N ILE C 237 -13.42 14.68 -1.77
CA ILE C 237 -14.11 15.78 -2.42
C ILE C 237 -13.47 15.99 -3.78
N CYS C 238 -14.26 16.39 -4.76
CA CYS C 238 -13.75 16.64 -6.10
C CYS C 238 -14.70 17.55 -6.84
N PHE C 239 -14.14 18.38 -7.72
CA PHE C 239 -14.94 19.29 -8.52
C PHE C 239 -15.53 18.63 -9.75
N PHE C 240 -16.74 19.03 -10.09
CA PHE C 240 -17.28 18.79 -11.41
C PHE C 240 -16.42 19.53 -12.43
N PRO C 241 -16.29 19.00 -13.65
CA PRO C 241 -15.45 19.69 -14.64
C PRO C 241 -15.90 21.12 -14.92
N ASN C 242 -17.18 21.41 -14.74
CA ASN C 242 -17.69 22.76 -14.98
C ASN C 242 -17.03 23.78 -14.05
N GLY C 243 -16.85 23.42 -12.79
CA GLY C 243 -16.40 24.35 -11.79
C GLY C 243 -17.52 24.99 -10.98
N ASN C 244 -18.76 24.61 -11.23
CA ASN C 244 -19.91 25.13 -10.48
C ASN C 244 -20.59 24.06 -9.65
N ALA C 245 -19.93 22.92 -9.44
CA ALA C 245 -20.50 21.85 -8.64
C ALA C 245 -19.37 20.97 -8.12
N PHE C 246 -19.67 20.20 -7.08
CA PHE C 246 -18.69 19.28 -6.53
C PHE C 246 -19.42 18.17 -5.78
N ALA C 247 -18.83 16.97 -5.80
CA ALA C 247 -19.36 15.80 -5.14
C ALA C 247 -18.52 15.47 -3.92
N THR C 248 -19.17 14.88 -2.91
CA THR C 248 -18.54 14.59 -1.63
C THR C 248 -18.89 13.19 -1.18
N GLY C 249 -17.88 12.44 -0.75
CA GLY C 249 -18.06 11.13 -0.16
C GLY C 249 -17.88 11.24 1.35
N SER C 250 -18.49 10.32 2.09
CA SER C 250 -18.50 10.41 3.54
C SER C 250 -18.50 9.01 4.14
N ASP C 251 -18.48 8.96 5.47
CA ASP C 251 -18.41 7.72 6.21
C ASP C 251 -19.80 7.15 6.54
N ASP C 252 -20.87 7.80 6.09
CA ASP C 252 -22.22 7.29 6.26
C ASP C 252 -22.73 6.59 5.00
N ALA C 253 -21.82 6.18 4.12
CA ALA C 253 -22.15 5.42 2.91
C ALA C 253 -23.08 6.20 1.99
N THR C 254 -22.61 7.38 1.57
CA THR C 254 -23.37 8.17 0.63
C THR C 254 -22.44 9.18 -0.04
N CYS C 255 -22.73 9.46 -1.31
CA CYS C 255 -22.14 10.56 -2.04
C CYS C 255 -23.23 11.58 -2.36
N ARG C 256 -22.87 12.85 -2.31
CA ARG C 256 -23.82 13.91 -2.54
C ARG C 256 -23.22 14.94 -3.48
N LEU C 257 -24.08 15.60 -4.25
CA LEU C 257 -23.65 16.60 -5.23
C LEU C 257 -24.13 17.97 -4.78
N PHE C 258 -23.19 18.89 -4.63
CA PHE C 258 -23.47 20.25 -4.20
C PHE C 258 -23.18 21.20 -5.35
N ASP C 259 -24.07 22.15 -5.58
CA ASP C 259 -23.81 23.20 -6.56
C ASP C 259 -23.64 24.51 -5.80
N LEU C 260 -22.71 25.34 -6.29
CA LEU C 260 -22.30 26.52 -5.54
C LEU C 260 -23.35 27.62 -5.61
N ARG C 261 -23.94 27.84 -6.78
CA ARG C 261 -24.90 28.93 -6.91
C ARG C 261 -26.25 28.58 -6.29
N ALA C 262 -26.65 27.32 -6.38
CA ALA C 262 -27.87 26.90 -5.68
C ALA C 262 -27.67 26.82 -4.18
N ASP C 263 -26.44 26.60 -3.73
CA ASP C 263 -26.11 26.55 -2.31
C ASP C 263 -26.91 25.49 -1.58
N GLN C 264 -27.09 24.34 -2.22
CA GLN C 264 -27.79 23.22 -1.61
C GLN C 264 -27.08 21.93 -2.00
N GLU C 265 -27.70 20.80 -1.68
CA GLU C 265 -27.37 19.52 -2.26
C GLU C 265 -28.42 19.19 -3.31
N LEU C 266 -27.99 18.52 -4.38
CA LEU C 266 -28.91 18.24 -5.48
C LEU C 266 -29.28 16.77 -5.58
N MET C 267 -28.38 15.86 -5.23
CA MET C 267 -28.66 14.45 -5.38
C MET C 267 -27.76 13.62 -4.49
N THR C 268 -28.32 12.63 -3.80
CA THR C 268 -27.57 11.75 -2.93
C THR C 268 -27.44 10.38 -3.58
N TYR C 269 -26.21 9.87 -3.65
CA TYR C 269 -25.91 8.59 -4.28
C TYR C 269 -25.75 7.55 -3.17
N SER C 270 -26.71 6.63 -3.09
CA SER C 270 -26.72 5.66 -2.01
C SER C 270 -27.49 4.42 -2.44
N HIS C 271 -27.30 3.34 -1.68
CA HIS C 271 -28.03 2.11 -1.89
C HIS C 271 -28.10 1.37 -0.56
N ASP C 272 -29.22 0.69 -0.32
CA ASP C 272 -29.43 0.02 0.96
C ASP C 272 -28.41 -1.09 1.20
N ASN C 273 -27.83 -1.64 0.14
CA ASN C 273 -26.84 -2.70 0.29
C ASN C 273 -25.47 -2.18 0.70
N ILE C 274 -25.24 -0.87 0.64
CA ILE C 274 -23.96 -0.28 0.97
C ILE C 274 -24.00 0.20 2.41
N ILE C 275 -23.14 -0.35 3.25
CA ILE C 275 -23.01 0.07 4.64
C ILE C 275 -21.57 0.40 4.92
N CYS C 276 -20.84 0.82 3.89
CA CYS C 276 -19.42 1.13 3.98
C CYS C 276 -19.17 2.53 3.46
N GLY C 277 -18.15 3.19 4.01
CA GLY C 277 -17.89 4.58 3.71
C GLY C 277 -16.97 4.78 2.52
N ILE C 278 -17.26 5.83 1.75
CA ILE C 278 -16.45 6.18 0.61
C ILE C 278 -15.10 6.73 1.08
N THR C 279 -14.05 6.39 0.34
CA THR C 279 -12.71 6.88 0.63
C THR C 279 -12.10 7.71 -0.49
N SER C 280 -12.68 7.71 -1.68
CA SER C 280 -12.14 8.47 -2.80
C SER C 280 -13.27 8.76 -3.77
N VAL C 281 -13.27 9.97 -4.33
CA VAL C 281 -14.29 10.41 -5.28
C VAL C 281 -13.60 11.14 -6.42
N SER C 282 -13.95 10.78 -7.64
CA SER C 282 -13.44 11.48 -8.81
C SER C 282 -14.52 11.48 -9.89
N PHE C 283 -14.48 12.50 -10.73
CA PHE C 283 -15.41 12.62 -11.85
C PHE C 283 -14.73 12.19 -13.14
N SER C 284 -15.56 11.89 -14.14
CA SER C 284 -15.06 11.63 -15.48
C SER C 284 -14.83 12.98 -16.17
N LYS C 285 -14.60 12.94 -17.48
CA LYS C 285 -14.30 14.18 -18.20
C LYS C 285 -15.59 14.94 -18.53
N SER C 286 -16.63 14.23 -18.94
CA SER C 286 -17.89 14.87 -19.30
C SER C 286 -18.79 15.11 -18.11
N GLY C 287 -18.43 14.63 -16.93
CA GLY C 287 -19.27 14.76 -15.77
C GLY C 287 -20.44 13.80 -15.72
N ARG C 288 -20.56 12.90 -16.69
CA ARG C 288 -21.66 11.95 -16.69
C ARG C 288 -21.42 10.77 -15.75
N LEU C 289 -20.18 10.53 -15.36
CA LEU C 289 -19.86 9.41 -14.49
C LEU C 289 -19.16 9.93 -13.24
N LEU C 290 -19.51 9.33 -12.09
CA LEU C 290 -18.94 9.68 -10.80
C LEU C 290 -18.41 8.40 -10.18
N LEU C 291 -17.08 8.28 -10.09
CA LEU C 291 -16.46 7.08 -9.56
C LEU C 291 -16.13 7.28 -8.09
N ALA C 292 -16.47 6.27 -7.27
CA ALA C 292 -16.31 6.38 -5.83
C ALA C 292 -15.78 5.08 -5.29
N GLY C 293 -14.71 5.15 -4.51
CA GLY C 293 -14.14 3.97 -3.90
C GLY C 293 -14.68 3.75 -2.49
N TYR C 294 -14.84 2.48 -2.14
CA TYR C 294 -15.50 2.10 -0.89
C TYR C 294 -14.59 1.21 -0.07
N ASP C 295 -14.98 1.02 1.19
CA ASP C 295 -14.30 0.08 2.07
C ASP C 295 -14.69 -1.36 1.81
N ASP C 296 -15.75 -1.61 1.04
CA ASP C 296 -16.11 -2.98 0.71
C ASP C 296 -15.35 -3.48 -0.52
N PHE C 297 -14.04 -3.25 -0.49
CA PHE C 297 -13.03 -3.87 -1.33
C PHE C 297 -13.14 -3.48 -2.80
N ASN C 298 -14.10 -2.66 -3.21
CA ASN C 298 -14.24 -2.34 -4.63
C ASN C 298 -14.85 -0.95 -4.81
N CYS C 299 -14.68 -0.42 -6.01
CA CYS C 299 -15.18 0.88 -6.41
C CYS C 299 -16.55 0.76 -7.04
N ASN C 300 -17.14 1.91 -7.36
CA ASN C 300 -18.46 1.99 -7.97
C ASN C 300 -18.51 3.15 -8.96
N VAL C 301 -19.17 2.91 -10.09
CA VAL C 301 -19.39 3.91 -11.11
C VAL C 301 -20.84 4.34 -11.04
N TRP C 302 -21.07 5.60 -10.67
CA TRP C 302 -22.40 6.16 -10.56
C TRP C 302 -22.72 7.02 -11.77
N ASP C 303 -24.00 7.20 -12.03
CA ASP C 303 -24.47 8.11 -13.06
C ASP C 303 -24.87 9.40 -12.38
N ALA C 304 -24.05 10.43 -12.54
CA ALA C 304 -24.18 11.67 -11.79
C ALA C 304 -25.39 12.45 -12.14
N LEU C 305 -26.26 11.98 -13.03
CA LEU C 305 -27.50 12.67 -13.33
C LEU C 305 -28.74 11.86 -13.00
N LYS C 306 -28.71 10.54 -13.19
CA LYS C 306 -29.84 9.68 -12.85
C LYS C 306 -29.72 9.05 -11.47
N ALA C 307 -28.55 9.13 -10.82
CA ALA C 307 -28.33 8.58 -9.49
C ALA C 307 -28.55 7.07 -9.45
N ASP C 308 -28.26 6.39 -10.55
CA ASP C 308 -28.38 4.95 -10.62
C ASP C 308 -27.00 4.33 -10.77
N ARG C 309 -26.73 3.28 -10.00
CA ARG C 309 -25.47 2.58 -10.11
C ARG C 309 -25.31 2.00 -11.51
N ALA C 310 -24.13 2.21 -12.09
CA ALA C 310 -23.88 1.81 -13.47
C ALA C 310 -22.53 1.11 -13.65
N GLY C 311 -21.99 0.53 -12.59
CA GLY C 311 -20.77 -0.24 -12.73
C GLY C 311 -20.10 -0.58 -11.41
N VAL C 312 -19.28 -1.63 -11.43
CA VAL C 312 -18.51 -2.06 -10.25
C VAL C 312 -17.13 -2.47 -10.73
N LEU C 313 -16.09 -1.83 -10.19
CA LEU C 313 -14.71 -2.16 -10.53
C LEU C 313 -14.13 -3.08 -9.47
N ALA C 314 -14.69 -4.27 -9.37
CA ALA C 314 -14.29 -5.24 -8.35
C ALA C 314 -13.04 -5.96 -8.81
N GLY C 315 -11.88 -5.47 -8.39
CA GLY C 315 -10.63 -6.11 -8.71
C GLY C 315 -9.62 -6.15 -7.58
N HIS C 316 -9.94 -5.53 -6.46
CA HIS C 316 -8.98 -5.34 -5.38
C HIS C 316 -9.28 -6.26 -4.22
N ASP C 317 -8.23 -6.60 -3.49
CA ASP C 317 -8.31 -7.51 -2.35
C ASP C 317 -8.32 -6.78 -1.02
N ASN C 318 -8.41 -5.45 -1.03
CA ASN C 318 -8.39 -4.68 0.20
C ASN C 318 -9.11 -3.36 -0.03
N ARG C 319 -8.99 -2.46 0.95
CA ARG C 319 -9.67 -1.18 0.91
C ARG C 319 -9.14 -0.33 -0.24
N VAL C 320 -10.06 0.22 -1.04
CA VAL C 320 -9.68 1.20 -2.06
C VAL C 320 -9.51 2.56 -1.39
N SER C 321 -8.35 3.17 -1.58
CA SER C 321 -8.01 4.40 -0.88
C SER C 321 -7.79 5.60 -1.77
N CYS C 322 -7.68 5.42 -3.08
CA CYS C 322 -7.38 6.53 -3.97
C CYS C 322 -7.94 6.24 -5.36
N LEU C 323 -8.21 7.31 -6.10
CA LEU C 323 -8.96 7.20 -7.35
C LEU C 323 -8.69 8.43 -8.18
N GLY C 324 -8.14 8.25 -9.37
CA GLY C 324 -7.88 9.37 -10.25
C GLY C 324 -8.24 9.12 -11.70
N VAL C 325 -8.83 10.12 -12.35
CA VAL C 325 -9.19 10.07 -13.76
C VAL C 325 -8.32 11.09 -14.49
N THR C 326 -7.69 10.67 -15.57
CA THR C 326 -6.71 11.52 -16.24
C THR C 326 -7.36 12.77 -16.82
N ASP C 327 -6.52 13.77 -17.10
CA ASP C 327 -6.99 14.96 -17.79
C ASP C 327 -7.47 14.62 -19.20
N ASP C 328 -6.80 13.69 -19.87
CA ASP C 328 -7.27 13.21 -21.16
C ASP C 328 -8.61 12.50 -21.07
N GLY C 329 -8.99 12.02 -19.88
CA GLY C 329 -10.22 11.28 -19.71
C GLY C 329 -10.17 9.86 -20.19
N MET C 330 -8.98 9.34 -20.49
CA MET C 330 -8.86 8.04 -21.13
C MET C 330 -8.78 6.88 -20.15
N ALA C 331 -8.20 7.08 -18.98
CA ALA C 331 -8.03 6.00 -18.03
C ALA C 331 -8.40 6.48 -16.62
N VAL C 332 -8.77 5.51 -15.79
CA VAL C 332 -8.97 5.71 -14.36
C VAL C 332 -8.06 4.72 -13.64
N ALA C 333 -7.38 5.21 -12.61
CA ALA C 333 -6.42 4.39 -11.87
C ALA C 333 -6.83 4.30 -10.41
N THR C 334 -6.74 3.09 -9.86
CA THR C 334 -7.21 2.81 -8.52
C THR C 334 -6.08 2.18 -7.73
N GLY C 335 -5.84 2.69 -6.52
CA GLY C 335 -4.88 2.09 -5.61
C GLY C 335 -5.60 1.64 -4.35
N SER C 336 -5.10 0.56 -3.77
CA SER C 336 -5.75 -0.05 -2.62
C SER C 336 -4.69 -0.49 -1.62
N TRP C 337 -5.16 -1.03 -0.51
CA TRP C 337 -4.28 -1.44 0.58
C TRP C 337 -3.58 -2.76 0.32
N ASP C 338 -3.79 -3.38 -0.84
CA ASP C 338 -3.12 -4.62 -1.20
C ASP C 338 -1.81 -4.38 -1.95
N SER C 339 -1.24 -3.18 -1.81
CA SER C 339 0.06 -2.85 -2.39
C SER C 339 0.04 -2.94 -3.91
N PHE C 340 -1.09 -2.65 -4.53
CA PHE C 340 -1.22 -2.68 -5.98
C PHE C 340 -1.85 -1.38 -6.48
N LEU C 341 -1.86 -1.24 -7.80
CA LEU C 341 -2.35 -0.03 -8.45
C LEU C 341 -2.79 -0.43 -9.85
N LYS C 342 -4.09 -0.44 -10.08
CA LYS C 342 -4.65 -0.91 -11.34
C LYS C 342 -5.15 0.25 -12.18
N ILE C 343 -4.90 0.18 -13.48
CA ILE C 343 -5.32 1.20 -14.43
C ILE C 343 -6.42 0.60 -15.29
N TRP C 344 -7.63 1.13 -15.17
CA TRP C 344 -8.79 0.59 -15.83
C TRP C 344 -9.12 1.39 -17.07
N ASN C 345 -9.84 0.75 -17.99
CA ASN C 345 -10.29 1.40 -19.21
C ASN C 345 -11.43 0.58 -19.81
N GLY C 346 -12.16 1.20 -20.72
CA GLY C 346 -13.29 0.57 -21.35
C GLY C 346 -12.91 -0.21 -22.58
N SER C 347 -13.94 -0.74 -23.25
CA SER C 347 -13.75 -1.51 -24.47
C SER C 347 -14.92 -1.25 -25.40
N SER C 348 -14.62 -1.07 -26.68
CA SER C 348 -15.64 -0.80 -27.68
C SER C 348 -16.24 -2.09 -28.23
N ILE D 9 -16.76 33.09 23.85
CA ILE D 9 -17.46 34.32 23.53
C ILE D 9 -17.09 34.81 22.14
N ALA D 10 -15.78 34.84 21.86
CA ALA D 10 -15.31 35.25 20.55
C ALA D 10 -15.75 34.27 19.46
N GLN D 11 -15.85 32.99 19.81
CA GLN D 11 -16.31 32.00 18.83
C GLN D 11 -17.73 32.31 18.36
N ALA D 12 -18.61 32.69 19.30
CA ALA D 12 -19.97 33.04 18.93
C ALA D 12 -20.01 34.25 18.01
N ARG D 13 -19.21 35.27 18.31
CA ARG D 13 -19.18 36.46 17.47
C ARG D 13 -18.66 36.13 16.07
N LYS D 14 -17.59 35.34 15.98
CA LYS D 14 -17.05 34.96 14.69
C LYS D 14 -18.05 34.14 13.89
N LEU D 15 -18.75 33.21 14.54
CA LEU D 15 -19.75 32.42 13.84
C LEU D 15 -20.89 33.28 13.35
N VAL D 16 -21.33 34.25 14.17
CA VAL D 16 -22.39 35.16 13.76
C VAL D 16 -21.97 35.96 12.53
N GLU D 17 -20.76 36.50 12.55
CA GLU D 17 -20.28 37.28 11.41
C GLU D 17 -20.17 36.42 10.15
N GLN D 18 -19.67 35.19 10.30
CA GLN D 18 -19.55 34.29 9.15
C GLN D 18 -20.92 33.95 8.59
N LEU D 19 -21.91 33.70 9.45
CA LEU D 19 -23.25 33.41 8.97
C LEU D 19 -23.86 34.62 8.28
N LYS D 20 -23.58 35.82 8.81
CA LYS D 20 -24.06 37.04 8.16
C LYS D 20 -23.48 37.17 6.77
N MET D 21 -22.18 36.89 6.61
CA MET D 21 -21.58 36.95 5.29
C MET D 21 -22.04 35.81 4.39
N GLU D 22 -22.54 34.72 4.97
CA GLU D 22 -23.08 33.62 4.18
C GLU D 22 -24.55 33.80 3.85
N ALA D 23 -25.21 34.79 4.43
CA ALA D 23 -26.62 35.04 4.13
C ALA D 23 -26.84 35.99 2.96
N ASN D 24 -25.80 36.71 2.53
CA ASN D 24 -25.91 37.72 1.48
C ASN D 24 -25.41 37.21 0.13
N ILE D 25 -25.64 35.94 -0.17
CA ILE D 25 -25.20 35.32 -1.42
C ILE D 25 -26.38 35.25 -2.37
N ASP D 26 -26.15 35.68 -3.61
CA ASP D 26 -27.22 35.73 -4.61
C ASP D 26 -27.40 34.34 -5.22
N ARG D 27 -28.34 33.58 -4.67
CA ARG D 27 -28.58 32.23 -5.13
C ARG D 27 -29.39 32.24 -6.42
N ILE D 28 -29.44 31.07 -7.06
CA ILE D 28 -30.28 30.84 -8.23
C ILE D 28 -31.08 29.57 -7.99
N LYS D 29 -32.15 29.42 -8.75
CA LYS D 29 -33.05 28.29 -8.57
C LYS D 29 -32.36 26.98 -8.94
N VAL D 30 -32.77 25.91 -8.27
CA VAL D 30 -32.19 24.59 -8.52
C VAL D 30 -32.44 24.14 -9.95
N SER D 31 -33.53 24.60 -10.57
CA SER D 31 -33.83 24.20 -11.93
C SER D 31 -32.74 24.65 -12.90
N LYS D 32 -32.28 25.89 -12.75
CA LYS D 32 -31.19 26.36 -13.61
C LYS D 32 -29.90 25.61 -13.36
N ALA D 33 -29.65 25.25 -12.09
CA ALA D 33 -28.48 24.44 -11.76
C ALA D 33 -28.50 23.10 -12.47
N ALA D 34 -29.62 22.40 -12.37
CA ALA D 34 -29.76 21.10 -13.03
C ALA D 34 -29.66 21.25 -14.54
N ALA D 35 -30.26 22.31 -15.09
CA ALA D 35 -30.17 22.54 -16.52
C ALA D 35 -28.73 22.75 -16.97
N ASP D 36 -27.96 23.52 -16.20
CA ASP D 36 -26.56 23.75 -16.56
C ASP D 36 -25.75 22.47 -16.50
N LEU D 37 -25.94 21.67 -15.44
CA LEU D 37 -25.19 20.41 -15.34
C LEU D 37 -25.56 19.47 -16.48
N MET D 38 -26.85 19.34 -16.77
CA MET D 38 -27.32 18.52 -17.87
C MET D 38 -26.72 18.98 -19.19
N ALA D 39 -26.71 20.29 -19.42
CA ALA D 39 -26.19 20.83 -20.66
C ALA D 39 -24.71 20.54 -20.81
N TYR D 40 -23.95 20.69 -19.73
CA TYR D 40 -22.52 20.39 -19.79
C TYR D 40 -22.28 18.92 -20.11
N CYS D 41 -23.00 18.04 -19.42
CA CYS D 41 -22.82 16.61 -19.64
C CYS D 41 -23.17 16.22 -21.08
N GLU D 42 -24.30 16.71 -21.58
CA GLU D 42 -24.70 16.34 -22.94
C GLU D 42 -23.84 17.02 -24.00
N ALA D 43 -23.22 18.15 -23.68
CA ALA D 43 -22.34 18.81 -24.64
C ALA D 43 -20.98 18.12 -24.73
N HIS D 44 -20.48 17.60 -23.62
CA HIS D 44 -19.17 16.97 -23.62
C HIS D 44 -19.22 15.44 -23.60
N ALA D 45 -20.40 14.85 -23.75
CA ALA D 45 -20.50 13.39 -23.74
C ALA D 45 -19.69 12.75 -24.86
N LYS D 46 -19.56 13.41 -26.01
CA LYS D 46 -18.90 12.81 -27.16
C LYS D 46 -17.39 12.67 -26.95
N GLU D 47 -16.79 13.41 -26.04
CA GLU D 47 -15.36 13.40 -25.82
C GLU D 47 -14.98 12.76 -24.48
N ASP D 48 -15.76 11.78 -24.04
CA ASP D 48 -15.53 11.10 -22.76
C ASP D 48 -15.26 9.63 -23.01
N PRO D 49 -14.00 9.21 -23.03
CA PRO D 49 -13.70 7.80 -23.36
C PRO D 49 -14.36 6.77 -22.46
N LEU D 50 -14.47 7.04 -21.15
CA LEU D 50 -15.08 6.04 -20.28
C LEU D 50 -16.58 5.92 -20.52
N LEU D 51 -17.24 7.03 -20.86
CA LEU D 51 -18.65 6.98 -21.19
C LEU D 51 -18.89 6.38 -22.58
N THR D 52 -18.04 6.72 -23.54
CA THR D 52 -18.12 6.18 -24.90
C THR D 52 -16.76 5.58 -25.26
N PRO D 53 -16.60 4.27 -25.11
CA PRO D 53 -15.28 3.66 -25.30
C PRO D 53 -14.72 3.92 -26.69
N VAL D 54 -13.41 4.17 -26.74
CA VAL D 54 -12.71 4.48 -27.98
C VAL D 54 -12.35 3.18 -28.69
N PRO D 55 -12.12 3.21 -30.00
CA PRO D 55 -11.65 2.00 -30.69
C PRO D 55 -10.27 1.59 -30.20
N ALA D 56 -9.99 0.29 -30.26
CA ALA D 56 -8.72 -0.23 -29.78
C ALA D 56 -7.53 0.33 -30.55
N SER D 57 -7.74 0.81 -31.78
CA SER D 57 -6.66 1.41 -32.55
C SER D 57 -6.21 2.74 -31.99
N GLU D 58 -6.96 3.32 -31.05
CA GLU D 58 -6.65 4.63 -30.48
C GLU D 58 -6.36 4.61 -29.00
N ASN D 59 -6.70 3.54 -28.29
CA ASN D 59 -6.54 3.46 -26.84
C ASN D 59 -5.07 3.29 -26.45
N PRO D 60 -4.53 4.15 -25.59
CA PRO D 60 -3.14 3.99 -25.14
C PRO D 60 -2.83 2.69 -24.43
N PHE D 61 -3.83 2.02 -23.85
CA PHE D 61 -3.58 0.99 -22.85
C PHE D 61 -3.80 -0.43 -23.33
N ARG D 62 -4.26 -0.64 -24.56
CA ARG D 62 -4.25 -1.97 -25.16
C ARG D 62 -3.73 -2.01 -26.57
N GLU D 63 -3.77 -0.92 -27.32
CA GLU D 63 -3.25 -0.85 -28.69
C GLU D 63 -3.83 -1.92 -29.59
N GLN E 23 -28.10 19.38 8.59
CA GLN E 23 -27.21 19.73 9.68
C GLN E 23 -27.41 18.82 10.88
N VAL E 24 -26.32 18.28 11.40
CA VAL E 24 -26.37 17.39 12.55
C VAL E 24 -26.38 18.25 13.81
N GLN E 25 -27.46 18.18 14.57
CA GLN E 25 -27.56 18.93 15.81
C GLN E 25 -28.26 18.09 16.88
N LEU E 26 -27.96 18.40 18.13
CA LEU E 26 -28.46 17.66 19.29
C LEU E 26 -28.79 18.67 20.38
N GLN E 27 -30.07 18.79 20.72
CA GLN E 27 -30.51 19.71 21.76
C GLN E 27 -30.82 18.90 23.02
N GLU E 28 -30.11 19.23 24.11
CA GLU E 28 -30.26 18.54 25.37
C GLU E 28 -30.97 19.45 26.36
N SER E 29 -32.10 19.01 26.88
CA SER E 29 -32.92 19.81 27.78
C SER E 29 -33.37 18.97 28.96
N GLY E 30 -33.65 19.65 30.07
CA GLY E 30 -34.19 18.98 31.24
C GLY E 30 -33.37 19.15 32.52
N GLY E 31 -32.56 20.20 32.59
CA GLY E 31 -31.74 20.45 33.76
C GLY E 31 -32.46 21.26 34.82
N GLY E 32 -31.69 21.70 35.81
CA GLY E 32 -32.23 22.55 36.85
C GLY E 32 -31.77 22.19 38.24
N LEU E 33 -32.10 23.03 39.22
CA LEU E 33 -31.77 22.76 40.60
C LEU E 33 -32.50 21.53 41.11
N VAL E 34 -31.86 20.80 42.01
CA VAL E 34 -32.47 19.65 42.65
C VAL E 34 -31.74 19.37 43.95
N GLN E 35 -32.51 19.00 44.98
CA GLN E 35 -31.94 18.66 46.26
C GLN E 35 -31.26 17.30 46.19
N PRO E 36 -30.34 17.01 47.11
CA PRO E 36 -29.79 15.65 47.19
C PRO E 36 -30.88 14.64 47.42
N GLY E 37 -30.77 13.50 46.75
CA GLY E 37 -31.82 12.49 46.78
C GLY E 37 -32.95 12.73 45.81
N GLY E 38 -32.96 13.87 45.12
CA GLY E 38 -33.99 14.16 44.14
C GLY E 38 -33.73 13.45 42.83
N SER E 39 -34.64 13.69 41.88
CA SER E 39 -34.58 13.01 40.60
C SER E 39 -34.84 14.01 39.48
N LEU E 40 -34.28 13.70 38.31
CA LEU E 40 -34.48 14.51 37.11
C LEU E 40 -34.56 13.58 35.91
N ARG E 41 -34.84 14.17 34.76
CA ARG E 41 -34.86 13.43 33.50
C ARG E 41 -34.30 14.32 32.41
N LEU E 42 -33.41 13.76 31.60
CA LEU E 42 -32.75 14.50 30.53
C LEU E 42 -33.15 13.92 29.19
N SER E 43 -33.64 14.77 28.29
CA SER E 43 -34.05 14.37 26.96
C SER E 43 -33.17 15.03 25.93
N CYS E 44 -32.95 14.35 24.81
CA CYS E 44 -32.02 14.78 23.77
C CYS E 44 -32.72 14.64 22.41
N ALA E 45 -33.28 15.74 21.93
CA ALA E 45 -33.93 15.74 20.62
C ALA E 45 -32.85 15.75 19.54
N ALA E 46 -32.95 14.81 18.60
CA ALA E 46 -31.93 14.61 17.60
C ALA E 46 -32.55 14.71 16.21
N SER E 47 -31.95 15.55 15.35
CA SER E 47 -32.47 15.76 14.01
C SER E 47 -31.32 15.80 13.02
N GLY E 48 -31.45 15.04 11.93
CA GLY E 48 -30.56 15.16 10.80
C GLY E 48 -29.66 13.98 10.52
N PHE E 49 -29.67 12.93 11.34
CA PHE E 49 -28.70 11.87 11.15
C PHE E 49 -29.30 10.48 11.35
N THR E 50 -30.51 10.25 10.82
CA THR E 50 -31.14 8.92 10.79
C THR E 50 -30.92 8.13 12.08
N PHE E 51 -31.48 8.63 13.17
CA PHE E 51 -31.20 8.23 14.56
C PHE E 51 -30.93 6.75 14.79
N SER E 52 -31.67 5.87 14.13
CA SER E 52 -31.65 4.46 14.50
C SER E 52 -30.34 3.75 14.17
N ASN E 53 -29.44 4.38 13.42
CA ASN E 53 -28.24 3.71 12.96
C ASN E 53 -27.02 3.93 13.84
N TYR E 54 -27.11 4.77 14.86
CA TYR E 54 -25.95 5.24 15.60
C TYR E 54 -26.04 4.88 17.06
N LYS E 55 -24.91 4.43 17.61
CA LYS E 55 -24.77 4.29 19.06
C LYS E 55 -24.71 5.68 19.69
N MET E 56 -25.35 5.82 20.85
CA MET E 56 -25.46 7.12 21.51
C MET E 56 -24.93 7.04 22.93
N ASN E 57 -24.38 8.16 23.40
CA ASN E 57 -23.75 8.23 24.71
C ASN E 57 -24.24 9.46 25.45
N TRP E 58 -23.88 9.53 26.73
CA TRP E 58 -24.06 10.71 27.56
C TRP E 58 -22.70 11.12 28.10
N VAL E 59 -22.42 12.42 28.08
CA VAL E 59 -21.11 12.94 28.43
C VAL E 59 -21.27 14.04 29.47
N ARG E 60 -20.43 14.01 30.50
CA ARG E 60 -20.54 14.85 31.67
C ARG E 60 -19.26 15.67 31.84
N GLN E 61 -19.39 16.90 32.33
CA GLN E 61 -18.24 17.77 32.58
C GLN E 61 -18.46 18.50 33.90
N ALA E 62 -17.88 17.97 34.97
CA ALA E 62 -17.93 18.65 36.26
C ALA E 62 -17.11 19.94 36.20
N PRO E 63 -17.51 20.96 36.95
CA PRO E 63 -16.77 22.23 36.90
C PRO E 63 -15.34 22.06 37.40
N GLY E 64 -14.39 22.54 36.59
CA GLY E 64 -12.98 22.42 36.92
C GLY E 64 -12.37 21.08 36.59
N LYS E 65 -13.14 20.15 36.07
CA LYS E 65 -12.65 18.82 35.72
C LYS E 65 -12.60 18.67 34.21
N GLY E 66 -12.31 17.46 33.75
CA GLY E 66 -12.21 17.19 32.33
C GLY E 66 -13.56 16.93 31.70
N LEU E 67 -13.67 15.84 30.94
CA LEU E 67 -14.90 15.50 30.24
C LEU E 67 -15.11 14.00 30.36
N GLU E 68 -16.20 13.59 30.99
CA GLU E 68 -16.40 12.21 31.39
C GLU E 68 -17.51 11.55 30.58
N TRP E 69 -17.44 10.22 30.53
CA TRP E 69 -18.43 9.38 29.86
C TRP E 69 -19.24 8.66 30.93
N VAL E 70 -20.57 8.76 30.85
CA VAL E 70 -21.43 8.26 31.91
C VAL E 70 -22.37 7.15 31.46
N SER E 71 -22.67 7.04 30.17
CA SER E 71 -23.61 6.03 29.74
C SER E 71 -23.44 5.73 28.27
N ASP E 72 -24.00 4.60 27.84
CA ASP E 72 -23.91 4.17 26.46
C ASP E 72 -25.06 3.22 26.17
N ILE E 73 -25.64 3.36 24.98
CA ILE E 73 -26.73 2.51 24.54
C ILE E 73 -26.52 2.20 23.06
N SER E 74 -26.79 0.94 22.69
CA SER E 74 -26.63 0.53 21.30
C SER E 74 -27.77 1.08 20.47
N GLN E 75 -27.76 0.75 19.17
CA GLN E 75 -28.79 1.27 18.28
C GLN E 75 -30.06 0.43 18.31
N SER E 76 -30.08 -0.65 19.09
CA SER E 76 -31.28 -1.44 19.30
C SER E 76 -31.85 -1.33 20.71
N GLY E 77 -31.01 -0.96 21.68
CA GLY E 77 -31.42 -0.93 23.07
C GLY E 77 -30.99 -2.13 23.88
N ALA E 78 -30.24 -3.06 23.29
CA ALA E 78 -29.82 -4.27 23.99
C ALA E 78 -28.63 -4.01 24.89
N SER E 79 -27.53 -3.51 24.32
CA SER E 79 -26.30 -3.34 25.07
C SER E 79 -26.31 -1.99 25.78
N ILE E 80 -26.19 -2.01 27.10
CA ILE E 80 -26.19 -0.82 27.92
C ILE E 80 -25.01 -0.90 28.89
N SER E 81 -24.21 0.15 28.93
CA SER E 81 -23.06 0.23 29.82
C SER E 81 -23.15 1.49 30.66
N TYR E 82 -22.44 1.47 31.79
CA TYR E 82 -22.38 2.62 32.69
C TYR E 82 -20.96 2.82 33.17
N THR E 83 -20.72 3.97 33.81
CA THR E 83 -19.38 4.27 34.34
C THR E 83 -19.07 3.48 35.59
N GLY E 84 -20.04 3.32 36.48
CA GLY E 84 -19.82 2.63 37.73
C GLY E 84 -20.10 3.51 38.93
N SER E 85 -19.69 4.78 38.84
CA SER E 85 -20.06 5.73 39.87
C SER E 85 -21.54 6.06 39.83
N VAL E 86 -22.23 5.72 38.75
CA VAL E 86 -23.65 6.00 38.59
C VAL E 86 -24.40 4.74 38.16
N LYS E 87 -23.85 3.58 38.47
CA LYS E 87 -24.37 2.34 37.90
C LYS E 87 -25.80 2.07 38.37
N GLY E 88 -26.04 2.10 39.68
CA GLY E 88 -27.34 1.75 40.19
C GLY E 88 -28.36 2.86 40.22
N ARG E 89 -27.93 4.10 39.98
CA ARG E 89 -28.82 5.25 40.13
C ARG E 89 -29.36 5.78 38.81
N PHE E 90 -28.53 5.86 37.77
CA PHE E 90 -28.97 6.37 36.48
C PHE E 90 -29.52 5.25 35.62
N THR E 91 -30.37 5.62 34.67
CA THR E 91 -30.90 4.69 33.69
C THR E 91 -31.01 5.40 32.34
N ILE E 92 -30.64 4.69 31.28
CA ILE E 92 -30.62 5.25 29.93
C ILE E 92 -31.54 4.42 29.05
N SER E 93 -32.42 5.09 28.34
CA SER E 93 -33.33 4.40 27.42
C SER E 93 -33.22 5.01 26.04
N ARG E 94 -34.10 4.60 25.13
CA ARG E 94 -34.03 5.04 23.75
C ARG E 94 -35.38 4.86 23.06
N ASP E 95 -35.76 5.80 22.21
CA ASP E 95 -36.99 5.72 21.44
C ASP E 95 -36.67 6.11 20.01
N ASN E 96 -36.46 5.11 19.15
CA ASN E 96 -36.06 5.38 17.77
C ASN E 96 -37.13 6.09 16.97
N ALA E 97 -38.40 5.97 17.37
CA ALA E 97 -39.47 6.62 16.61
C ALA E 97 -39.46 8.13 16.82
N LYS E 98 -39.30 8.59 18.06
CA LYS E 98 -39.33 10.01 18.37
C LYS E 98 -37.96 10.66 18.32
N ASN E 99 -36.91 9.90 18.04
CA ASN E 99 -35.54 10.41 17.94
C ASN E 99 -35.13 11.11 19.24
N THR E 100 -35.17 10.37 20.34
CA THR E 100 -34.83 10.89 21.65
C THR E 100 -33.94 9.91 22.40
N LEU E 101 -33.10 10.47 23.27
CA LEU E 101 -32.29 9.70 24.20
C LEU E 101 -32.58 10.18 25.61
N TYR E 102 -32.80 9.24 26.53
CA TYR E 102 -33.27 9.56 27.87
C TYR E 102 -32.22 9.16 28.89
N LEU E 103 -32.14 9.94 29.97
CA LEU E 103 -31.24 9.64 31.09
C LEU E 103 -32.03 9.92 32.38
N GLN E 104 -32.48 8.85 33.03
CA GLN E 104 -33.31 8.96 34.23
C GLN E 104 -32.40 9.03 35.45
N MET E 105 -32.07 10.25 35.88
CA MET E 105 -31.31 10.46 37.10
C MET E 105 -32.25 10.36 38.29
N ASN E 106 -31.89 9.54 39.28
CA ASN E 106 -32.84 9.11 40.29
C ASN E 106 -32.46 9.54 41.71
N SER E 107 -31.20 9.38 42.11
CA SER E 107 -30.78 9.59 43.49
C SER E 107 -29.52 10.45 43.54
N LEU E 108 -29.57 11.60 42.90
CA LEU E 108 -28.39 12.43 42.69
C LEU E 108 -27.70 12.77 44.00
N LYS E 109 -26.39 13.00 43.91
CA LYS E 109 -25.55 13.44 45.00
C LYS E 109 -24.72 14.62 44.51
N PRO E 110 -24.19 15.43 45.44
CA PRO E 110 -23.54 16.69 45.02
C PRO E 110 -22.39 16.50 44.03
N GLU E 111 -21.74 15.34 44.00
CA GLU E 111 -20.69 15.12 43.02
C GLU E 111 -21.20 15.00 41.61
N ASP E 112 -22.52 14.91 41.41
CA ASP E 112 -23.11 14.75 40.09
C ASP E 112 -23.35 16.06 39.36
N THR E 113 -23.04 17.21 39.98
CA THR E 113 -23.33 18.48 39.34
C THR E 113 -22.36 18.73 38.19
N ALA E 114 -22.91 19.00 37.01
CA ALA E 114 -22.11 19.16 35.80
C ALA E 114 -22.96 19.64 34.64
N VAL E 115 -22.34 19.80 33.48
CA VAL E 115 -23.05 20.09 32.23
C VAL E 115 -23.10 18.79 31.43
N TYR E 116 -24.31 18.32 31.15
CA TYR E 116 -24.51 17.02 30.53
C TYR E 116 -24.68 17.16 29.03
N TYR E 117 -23.92 16.35 28.28
CA TYR E 117 -23.92 16.40 26.83
C TYR E 117 -24.44 15.09 26.25
N CYS E 118 -25.25 15.21 25.22
CA CYS E 118 -25.78 14.07 24.48
C CYS E 118 -24.91 13.88 23.24
N ALA E 119 -24.10 12.84 23.24
CA ALA E 119 -23.12 12.62 22.19
C ALA E 119 -23.57 11.52 21.24
N ARG E 120 -23.02 11.55 20.04
CA ARG E 120 -23.30 10.58 19.01
C ARG E 120 -21.99 9.90 18.59
N CYS E 121 -22.10 8.75 18.11
CA CYS E 121 -20.87 8.05 17.84
C CYS E 121 -20.46 8.30 16.38
N PRO E 122 -19.16 8.37 16.09
CA PRO E 122 -18.74 8.91 14.78
C PRO E 122 -19.35 8.24 13.56
N ALA E 123 -19.48 6.92 13.54
CA ALA E 123 -19.87 6.27 12.31
C ALA E 123 -21.02 5.31 12.54
N PRO E 124 -21.86 5.10 11.54
CA PRO E 124 -22.98 4.17 11.67
C PRO E 124 -22.52 2.73 11.60
N PHE E 125 -23.31 1.85 12.23
CA PHE E 125 -23.14 0.40 12.20
C PHE E 125 -21.85 -0.06 12.86
N THR E 126 -21.18 0.80 13.62
CA THR E 126 -19.90 0.47 14.21
C THR E 126 -20.03 0.15 15.68
N ARG E 127 -19.02 -0.54 16.21
CA ARG E 127 -18.96 -0.91 17.62
C ARG E 127 -17.87 -0.16 18.36
N ASP E 128 -17.23 0.82 17.73
CA ASP E 128 -16.19 1.63 18.35
C ASP E 128 -16.63 3.09 18.36
N CYS E 129 -16.47 3.74 19.50
CA CYS E 129 -16.82 5.15 19.66
C CYS E 129 -15.56 5.87 20.15
N PHE E 130 -14.86 6.55 19.24
CA PHE E 130 -13.55 7.08 19.58
C PHE E 130 -13.62 8.42 20.31
N ASP E 131 -14.14 9.45 19.64
CA ASP E 131 -13.92 10.83 20.05
C ASP E 131 -15.14 11.45 20.73
N VAL E 132 -15.89 10.67 21.50
CA VAL E 132 -17.08 11.22 22.13
C VAL E 132 -16.73 12.17 23.27
N THR E 133 -15.53 12.07 23.82
CA THR E 133 -15.10 12.91 24.94
C THR E 133 -14.01 13.90 24.54
N SER E 134 -13.83 14.13 23.25
CA SER E 134 -12.81 15.08 22.81
C SER E 134 -13.23 16.51 23.14
N THR E 135 -12.24 17.40 23.13
CA THR E 135 -12.49 18.77 23.54
C THR E 135 -13.43 19.48 22.58
N THR E 136 -13.22 19.29 21.27
CA THR E 136 -14.05 19.91 20.23
C THR E 136 -14.51 18.79 19.30
N TYR E 137 -15.64 18.18 19.64
CA TYR E 137 -16.20 17.06 18.88
C TYR E 137 -17.47 17.53 18.20
N ALA E 138 -17.58 17.27 16.90
CA ALA E 138 -18.62 17.89 16.09
C ALA E 138 -20.01 17.41 16.47
N TYR E 139 -20.18 16.11 16.70
CA TYR E 139 -21.51 15.53 16.86
C TYR E 139 -21.86 15.43 18.35
N ARG E 140 -22.01 16.59 18.96
CA ARG E 140 -22.34 16.68 20.37
C ARG E 140 -23.17 17.93 20.61
N GLY E 141 -23.95 17.92 21.69
CA GLY E 141 -24.86 19.01 21.97
C GLY E 141 -24.17 20.19 22.65
N GLN E 142 -24.97 21.23 22.87
CA GLN E 142 -24.46 22.41 23.56
C GLN E 142 -24.46 22.22 25.07
N GLY E 143 -25.38 21.42 25.59
CA GLY E 143 -25.33 21.04 26.98
C GLY E 143 -26.47 21.56 27.84
N THR E 144 -26.82 20.79 28.87
CA THR E 144 -27.79 21.19 29.87
C THR E 144 -27.12 21.17 31.24
N GLN E 145 -27.40 22.19 32.05
CA GLN E 145 -26.73 22.37 33.33
C GLN E 145 -27.58 21.71 34.42
N VAL E 146 -27.03 20.68 35.05
CA VAL E 146 -27.70 19.98 36.16
C VAL E 146 -26.87 20.22 37.40
N THR E 147 -27.50 20.77 38.44
CA THR E 147 -26.80 21.12 39.66
C THR E 147 -27.57 20.59 40.87
N VAL E 148 -26.83 20.25 41.93
CA VAL E 148 -27.40 19.69 43.13
C VAL E 148 -26.94 20.53 44.32
N SER E 149 -27.87 20.89 45.19
CA SER E 149 -27.57 21.71 46.36
C SER E 149 -26.59 21.01 47.29
N VAL F 39 28.60 19.87 -12.23
CA VAL F 39 28.71 18.83 -13.25
C VAL F 39 30.02 18.99 -14.00
N GLN F 40 30.86 17.95 -13.96
CA GLN F 40 32.16 18.02 -14.60
C GLN F 40 32.63 16.62 -14.97
N LEU F 41 33.32 16.53 -16.10
CA LEU F 41 33.99 15.30 -16.52
C LEU F 41 35.38 15.67 -17.02
N VAL F 42 36.39 14.93 -16.57
CA VAL F 42 37.79 15.18 -16.94
C VAL F 42 38.39 13.89 -17.46
N GLU F 43 39.02 13.97 -18.62
CA GLU F 43 39.64 12.82 -19.27
C GLU F 43 41.15 12.95 -19.23
N SER F 44 41.84 11.84 -19.00
CA SER F 44 43.29 11.84 -18.90
C SER F 44 43.82 10.52 -19.43
N GLY F 45 45.05 10.56 -19.93
CA GLY F 45 45.70 9.37 -20.44
C GLY F 45 46.01 9.43 -21.93
N GLY F 46 46.17 10.65 -22.45
CA GLY F 46 46.52 10.82 -23.84
C GLY F 46 48.02 10.95 -24.04
N GLY F 47 48.41 11.18 -25.30
CA GLY F 47 49.79 11.36 -25.65
C GLY F 47 50.17 10.45 -26.80
N LEU F 48 51.47 10.39 -27.06
CA LEU F 48 52.00 9.58 -28.16
C LEU F 48 52.00 8.11 -27.79
N VAL F 49 51.90 7.26 -28.81
CA VAL F 49 51.95 5.82 -28.63
C VAL F 49 52.34 5.19 -29.97
N GLN F 50 53.26 4.24 -29.91
CA GLN F 50 53.70 3.57 -31.12
C GLN F 50 52.61 2.63 -31.63
N PRO F 51 52.54 2.42 -32.95
CA PRO F 51 51.50 1.54 -33.50
C PRO F 51 51.58 0.14 -32.92
N GLY F 52 50.41 -0.44 -32.65
CA GLY F 52 50.32 -1.76 -32.08
C GLY F 52 50.37 -1.81 -30.57
N GLY F 53 50.59 -0.68 -29.91
CA GLY F 53 50.64 -0.64 -28.46
C GLY F 53 49.26 -0.63 -27.84
N SER F 54 49.24 -0.43 -26.52
CA SER F 54 48.01 -0.39 -25.76
C SER F 54 48.07 0.74 -24.76
N ARG F 55 46.90 1.26 -24.39
CA ARG F 55 46.80 2.33 -23.41
C ARG F 55 45.39 2.38 -22.86
N LYS F 56 45.26 2.92 -21.65
CA LYS F 56 43.98 3.04 -20.97
C LYS F 56 43.61 4.50 -20.81
N LEU F 57 42.37 4.85 -21.11
CA LEU F 57 41.85 6.18 -20.83
C LEU F 57 40.94 6.15 -19.61
N SER F 58 40.99 7.22 -18.82
CA SER F 58 40.17 7.36 -17.65
C SER F 58 39.30 8.60 -17.78
N CYS F 59 38.08 8.51 -17.27
CA CYS F 59 37.12 9.62 -17.28
C CYS F 59 36.62 9.83 -15.87
N SER F 60 37.14 10.87 -15.21
CA SER F 60 36.80 11.17 -13.83
C SER F 60 35.56 12.06 -13.80
N ALA F 61 34.52 11.60 -13.10
CA ALA F 61 33.27 12.34 -13.01
C ALA F 61 33.11 12.92 -11.61
N SER F 62 32.38 14.04 -11.53
CA SER F 62 32.14 14.71 -10.26
C SER F 62 31.01 15.70 -10.46
N GLY F 63 30.12 15.78 -9.47
CA GLY F 63 29.03 16.73 -9.47
C GLY F 63 27.67 16.17 -9.85
N PHE F 64 27.56 14.87 -10.06
CA PHE F 64 26.28 14.27 -10.41
C PHE F 64 26.30 12.79 -10.03
N ALA F 65 25.11 12.19 -10.02
CA ALA F 65 24.97 10.78 -9.67
C ALA F 65 25.49 9.91 -10.79
N PHE F 66 26.74 9.46 -10.67
CA PHE F 66 27.40 8.73 -11.75
C PHE F 66 26.72 7.40 -12.03
N SER F 67 26.23 6.73 -10.99
CA SER F 67 25.70 5.39 -11.17
C SER F 67 24.45 5.37 -12.03
N SER F 68 23.60 6.39 -11.89
CA SER F 68 22.33 6.45 -12.62
C SER F 68 22.49 6.87 -14.08
N PHE F 69 23.72 7.11 -14.53
CA PHE F 69 23.97 7.56 -15.89
C PHE F 69 24.72 6.48 -16.67
N GLY F 70 24.35 6.32 -17.94
CA GLY F 70 25.10 5.49 -18.84
C GLY F 70 26.03 6.34 -19.69
N MET F 71 27.29 5.90 -19.76
CA MET F 71 28.34 6.71 -20.34
C MET F 71 28.71 6.22 -21.73
N HIS F 72 29.17 7.14 -22.57
CA HIS F 72 29.55 6.87 -23.94
C HIS F 72 30.98 7.33 -24.20
N TRP F 73 31.49 6.98 -25.38
CA TRP F 73 32.77 7.45 -25.85
C TRP F 73 32.63 7.85 -27.30
N VAL F 74 32.76 9.13 -27.59
CA VAL F 74 32.72 9.66 -28.93
C VAL F 74 34.08 10.26 -29.24
N ARG F 75 34.63 9.91 -30.40
CA ARG F 75 35.95 10.37 -30.78
C ARG F 75 35.86 11.19 -32.06
N GLN F 76 36.80 12.12 -32.22
CA GLN F 76 36.82 13.02 -33.36
C GLN F 76 38.23 13.06 -33.93
N ALA F 77 38.36 12.70 -35.20
CA ALA F 77 39.64 12.74 -35.89
C ALA F 77 40.17 14.18 -35.89
N PRO F 78 41.47 14.36 -36.19
CA PRO F 78 42.05 15.71 -36.09
C PRO F 78 41.30 16.79 -36.88
N GLU F 79 40.81 16.48 -38.07
CA GLU F 79 40.06 17.45 -38.86
C GLU F 79 38.85 16.80 -39.50
N LYS F 80 38.13 15.97 -38.75
CA LYS F 80 36.94 15.32 -39.28
C LYS F 80 35.77 15.45 -38.31
N GLY F 81 34.67 14.74 -38.58
CA GLY F 81 33.51 14.79 -37.74
C GLY F 81 33.55 13.77 -36.62
N LEU F 82 32.52 13.81 -35.78
CA LEU F 82 32.46 12.94 -34.62
C LEU F 82 32.16 11.50 -35.03
N GLU F 83 32.47 10.57 -34.14
CA GLU F 83 32.27 9.16 -34.40
C GLU F 83 32.11 8.42 -33.07
N TRP F 84 31.16 7.51 -33.02
CA TRP F 84 30.86 6.74 -31.82
C TRP F 84 31.85 5.61 -31.64
N VAL F 85 32.14 5.26 -30.39
CA VAL F 85 33.13 4.23 -30.09
C VAL F 85 32.52 3.10 -29.26
N ALA F 86 32.05 3.40 -28.06
CA ALA F 86 31.58 2.36 -27.16
C ALA F 86 30.44 2.91 -26.31
N TYR F 87 29.93 2.06 -25.41
CA TYR F 87 28.82 2.40 -24.52
C TYR F 87 28.67 1.40 -23.40
N ILE F 88 28.54 1.87 -22.17
CA ILE F 88 28.25 1.02 -21.02
C ILE F 88 27.05 1.60 -20.29
N SER F 89 26.07 0.75 -20.00
CA SER F 89 24.82 1.18 -19.41
C SER F 89 24.94 1.27 -17.89
N SER F 90 23.92 1.86 -17.28
CA SER F 90 23.86 1.91 -15.82
C SER F 90 23.76 0.51 -15.26
N GLY F 91 24.63 0.18 -14.32
CA GLY F 91 24.74 -1.17 -13.82
C GLY F 91 25.65 -2.07 -14.63
N SER F 92 26.27 -1.55 -15.69
CA SER F 92 27.18 -2.32 -16.55
C SER F 92 26.51 -3.55 -17.14
N GLY F 93 25.19 -3.51 -17.29
CA GLY F 93 24.46 -4.62 -17.82
C GLY F 93 24.24 -4.63 -19.32
N THR F 94 24.75 -3.64 -20.03
CA THR F 94 24.54 -3.56 -21.47
C THR F 94 25.69 -2.79 -22.09
N ILE F 95 26.49 -3.48 -22.91
CA ILE F 95 27.68 -2.90 -23.52
C ILE F 95 27.58 -3.05 -25.03
N TYR F 96 27.80 -1.96 -25.75
CA TYR F 96 27.81 -1.97 -27.21
C TYR F 96 29.08 -1.33 -27.71
N TYR F 97 29.60 -1.87 -28.82
CA TYR F 97 30.83 -1.36 -29.42
C TYR F 97 30.57 -1.03 -30.88
N ALA F 98 31.42 -0.16 -31.42
CA ALA F 98 31.40 0.14 -32.84
C ALA F 98 32.05 -1.02 -33.61
N ASP F 99 31.70 -1.10 -34.89
CA ASP F 99 32.25 -2.17 -35.72
C ASP F 99 33.77 -2.07 -35.86
N THR F 100 34.29 -0.85 -35.97
CA THR F 100 35.71 -0.66 -36.17
C THR F 100 36.53 -1.03 -34.94
N VAL F 101 35.90 -1.07 -33.77
CA VAL F 101 36.64 -1.30 -32.53
C VAL F 101 36.01 -2.43 -31.72
N LYS F 102 35.25 -3.30 -32.38
CA LYS F 102 34.48 -4.30 -31.65
C LYS F 102 35.37 -5.38 -31.04
N GLY F 103 36.64 -5.42 -31.42
CA GLY F 103 37.48 -6.50 -30.94
C GLY F 103 38.61 -6.06 -30.04
N ARG F 104 39.13 -4.86 -30.25
CA ARG F 104 40.34 -4.43 -29.59
C ARG F 104 40.14 -3.42 -28.49
N PHE F 105 38.91 -2.94 -28.24
CA PHE F 105 38.67 -1.96 -27.21
C PHE F 105 37.72 -2.55 -26.18
N THR F 106 37.94 -2.19 -24.91
CA THR F 106 37.10 -2.67 -23.82
C THR F 106 36.67 -1.48 -22.96
N ILE F 107 35.37 -1.41 -22.66
CA ILE F 107 34.80 -0.36 -21.82
C ILE F 107 34.41 -0.96 -20.48
N SER F 108 34.68 -0.23 -19.41
CA SER F 108 34.36 -0.67 -18.06
C SER F 108 34.30 0.53 -17.14
N ARG F 109 33.56 0.39 -16.04
CA ARG F 109 33.35 1.50 -15.12
C ARG F 109 33.42 0.99 -13.69
N ASP F 110 33.81 1.90 -12.78
CA ASP F 110 33.91 1.63 -11.35
C ASP F 110 33.09 2.69 -10.64
N ASP F 111 31.83 2.34 -10.34
CA ASP F 111 30.91 3.31 -9.76
C ASP F 111 31.37 3.90 -8.42
N PRO F 112 31.89 3.12 -7.46
CA PRO F 112 32.27 3.72 -6.18
C PRO F 112 33.29 4.84 -6.29
N LYS F 113 34.23 4.77 -7.23
CA LYS F 113 35.24 5.80 -7.37
C LYS F 113 34.97 6.77 -8.52
N ASN F 114 33.78 6.68 -9.12
CA ASN F 114 33.32 7.64 -10.13
C ASN F 114 34.34 7.83 -11.24
N THR F 115 34.65 6.73 -11.94
CA THR F 115 35.60 6.77 -13.03
C THR F 115 35.14 5.83 -14.13
N LEU F 116 35.31 6.26 -15.38
CA LEU F 116 34.97 5.45 -16.55
C LEU F 116 36.25 5.13 -17.30
N PHE F 117 36.39 3.87 -17.70
CA PHE F 117 37.62 3.39 -18.32
C PHE F 117 37.36 2.94 -19.75
N LEU F 118 38.39 3.07 -20.59
CA LEU F 118 38.38 2.52 -21.94
C LEU F 118 39.75 1.91 -22.21
N GLN F 119 39.81 0.58 -22.21
CA GLN F 119 41.08 -0.14 -22.38
C GLN F 119 41.34 -0.33 -23.87
N MET F 120 42.35 0.36 -24.38
CA MET F 120 42.69 0.31 -25.80
C MET F 120 43.78 -0.72 -26.01
N THR F 121 43.61 -1.57 -27.04
CA THR F 121 44.62 -2.54 -27.42
C THR F 121 44.79 -2.52 -28.93
N SER F 122 46.02 -2.82 -29.37
CA SER F 122 46.36 -3.00 -30.79
C SER F 122 45.94 -1.78 -31.61
N LEU F 123 46.48 -0.62 -31.23
CA LEU F 123 46.14 0.63 -31.89
C LEU F 123 46.70 0.66 -33.31
N ARG F 124 45.97 1.34 -34.18
CA ARG F 124 46.40 1.60 -35.55
C ARG F 124 46.44 3.11 -35.80
N SER F 125 46.69 3.48 -37.04
CA SER F 125 46.79 4.90 -37.38
C SER F 125 45.43 5.56 -37.56
N GLU F 126 44.36 4.78 -37.69
CA GLU F 126 43.02 5.35 -37.81
C GLU F 126 42.42 5.69 -36.45
N ASP F 127 43.08 5.37 -35.36
CA ASP F 127 42.56 5.62 -34.02
C ASP F 127 43.02 6.94 -33.43
N THR F 128 43.75 7.76 -34.19
CA THR F 128 44.17 9.06 -33.69
C THR F 128 43.00 10.03 -33.72
N ALA F 129 42.67 10.59 -32.56
CA ALA F 129 41.47 11.39 -32.41
C ALA F 129 41.48 12.04 -31.03
N MET F 130 40.44 12.81 -30.75
CA MET F 130 40.16 13.35 -29.42
C MET F 130 38.97 12.60 -28.86
N TYR F 131 39.15 11.95 -27.72
CA TYR F 131 38.15 11.06 -27.16
C TYR F 131 37.34 11.79 -26.10
N TYR F 132 36.02 11.74 -26.24
CA TYR F 132 35.10 12.48 -25.38
C TYR F 132 34.32 11.51 -24.48
N CYS F 133 34.04 11.96 -23.27
CA CYS F 133 33.27 11.21 -22.28
C CYS F 133 31.91 11.87 -22.17
N VAL F 134 30.86 11.16 -22.60
CA VAL F 134 29.52 11.71 -22.68
C VAL F 134 28.60 10.90 -21.78
N ARG F 135 27.86 11.60 -20.93
CA ARG F 135 26.88 10.98 -20.04
C ARG F 135 25.53 10.95 -20.71
N SER F 136 24.71 9.96 -20.32
CA SER F 136 23.38 9.83 -20.89
C SER F 136 22.50 9.07 -19.90
N ILE F 137 21.25 9.53 -19.78
CA ILE F 137 20.27 8.91 -18.89
C ILE F 137 19.00 8.70 -19.69
N TYR F 138 18.36 7.54 -19.49
CA TYR F 138 17.21 7.14 -20.29
C TYR F 138 16.03 6.84 -19.38
N TYR F 139 14.99 7.67 -19.47
CA TYR F 139 13.67 7.36 -18.94
C TYR F 139 12.66 8.17 -19.74
N TYR F 140 11.40 8.08 -19.37
CA TYR F 140 10.37 8.80 -20.11
C TYR F 140 10.57 10.30 -19.91
N GLY F 141 11.01 10.98 -20.96
CA GLY F 141 11.23 12.41 -20.91
C GLY F 141 12.62 12.84 -20.57
N SER F 142 13.59 11.93 -20.61
CA SER F 142 14.97 12.29 -20.28
C SER F 142 15.63 12.99 -21.46
N SER F 143 16.88 13.40 -21.25
CA SER F 143 17.67 14.11 -22.25
C SER F 143 19.04 13.46 -22.36
N PRO F 144 19.18 12.45 -23.22
CA PRO F 144 20.47 11.78 -23.35
C PRO F 144 21.50 12.66 -24.04
N PHE F 145 22.77 12.32 -23.84
CA PHE F 145 23.90 13.03 -24.45
C PHE F 145 23.89 14.50 -24.06
N ASP F 146 23.65 14.76 -22.77
CA ASP F 146 23.43 16.14 -22.33
C ASP F 146 24.68 16.84 -21.84
N PHE F 147 25.73 16.10 -21.46
CA PHE F 147 26.98 16.70 -21.03
C PHE F 147 28.14 16.03 -21.73
N TRP F 148 29.09 16.83 -22.20
CA TRP F 148 30.27 16.35 -22.90
C TRP F 148 31.52 16.82 -22.17
N GLY F 149 32.40 15.88 -21.87
CA GLY F 149 33.67 16.23 -21.26
C GLY F 149 34.58 16.98 -22.23
N GLN F 150 35.69 17.47 -21.70
CA GLN F 150 36.56 18.32 -22.48
C GLN F 150 37.43 17.55 -23.46
N GLY F 151 37.56 16.23 -23.31
CA GLY F 151 38.25 15.44 -24.31
C GLY F 151 39.74 15.34 -24.11
N THR F 152 40.30 14.16 -24.40
CA THR F 152 41.73 13.91 -24.35
C THR F 152 42.23 13.57 -25.75
N THR F 153 43.48 13.91 -26.02
CA THR F 153 44.06 13.76 -27.34
C THR F 153 45.02 12.58 -27.37
N LEU F 154 44.83 11.70 -28.35
CA LEU F 154 45.66 10.52 -28.52
C LEU F 154 46.20 10.50 -29.94
N THR F 155 47.49 10.25 -30.09
CA THR F 155 48.14 10.24 -31.40
C THR F 155 48.90 8.94 -31.56
N VAL F 156 48.69 8.28 -32.70
CA VAL F 156 49.40 7.05 -33.06
C VAL F 156 50.28 7.36 -34.27
N SER F 157 51.58 7.26 -34.08
CA SER F 157 52.52 7.56 -35.15
C SER F 157 52.59 6.41 -36.16
N ASP F 175 23.67 -0.13 -40.62
CA ASP F 175 24.20 1.18 -40.23
C ASP F 175 23.50 2.29 -41.00
N ILE F 176 22.90 3.22 -40.26
CA ILE F 176 22.18 4.33 -40.88
C ILE F 176 23.18 5.42 -41.25
N VAL F 177 23.00 5.99 -42.43
CA VAL F 177 23.91 7.00 -42.97
C VAL F 177 23.19 8.35 -42.90
N MET F 178 23.81 9.30 -42.22
CA MET F 178 23.33 10.67 -42.17
C MET F 178 24.27 11.58 -42.95
N THR F 179 23.71 12.36 -43.87
CA THR F 179 24.46 13.23 -44.74
C THR F 179 23.99 14.66 -44.55
N GLN F 180 24.93 15.60 -44.47
CA GLN F 180 24.63 17.02 -44.38
C GLN F 180 25.26 17.67 -45.60
N ALA F 181 24.50 17.72 -46.70
CA ALA F 181 25.03 18.22 -47.97
C ALA F 181 25.53 19.65 -47.87
N THR F 182 24.98 20.45 -46.95
CA THR F 182 25.44 21.82 -46.75
C THR F 182 26.69 21.76 -45.88
N SER F 183 27.85 21.60 -46.55
CA SER F 183 29.11 21.57 -45.82
C SER F 183 29.41 22.93 -45.17
N SER F 184 29.18 24.02 -45.90
CA SER F 184 29.47 25.35 -45.38
C SER F 184 28.33 26.30 -45.76
N VAL F 185 27.92 27.12 -44.80
CA VAL F 185 26.88 28.13 -45.02
C VAL F 185 27.36 29.46 -44.46
N PRO F 186 27.48 30.50 -45.28
CA PRO F 186 27.86 31.81 -44.76
C PRO F 186 26.63 32.58 -44.26
N VAL F 187 26.75 33.17 -43.08
CA VAL F 187 25.60 33.81 -42.43
C VAL F 187 26.09 34.98 -41.60
N THR F 188 25.32 36.07 -41.62
CA THR F 188 25.55 37.33 -40.94
C THR F 188 24.64 37.45 -39.72
N PRO F 189 25.08 38.16 -38.68
CA PRO F 189 24.27 38.25 -37.46
C PRO F 189 22.94 38.93 -37.73
N GLY F 190 21.90 38.44 -37.06
CA GLY F 190 20.55 38.96 -37.19
C GLY F 190 19.69 38.21 -38.17
N GLU F 191 20.28 37.39 -39.03
CA GLU F 191 19.53 36.65 -40.03
C GLU F 191 19.29 35.22 -39.57
N SER F 192 18.17 34.66 -39.99
CA SER F 192 17.82 33.29 -39.64
C SER F 192 18.44 32.32 -40.65
N VAL F 193 19.02 31.25 -40.13
CA VAL F 193 19.70 30.25 -40.95
C VAL F 193 19.11 28.88 -40.64
N SER F 194 18.96 28.06 -41.67
CA SER F 194 18.43 26.71 -41.53
C SER F 194 19.48 25.69 -41.98
N ILE F 195 19.66 24.65 -41.18
CA ILE F 195 20.62 23.60 -41.44
C ILE F 195 19.87 22.29 -41.60
N SER F 196 20.16 21.55 -42.67
CA SER F 196 19.42 20.36 -43.02
C SER F 196 20.27 19.11 -42.82
N CYS F 197 19.60 18.03 -42.43
CA CYS F 197 20.21 16.72 -42.28
C CYS F 197 19.25 15.68 -42.81
N ARG F 198 19.80 14.60 -43.37
CA ARG F 198 19.01 13.59 -44.04
C ARG F 198 19.42 12.21 -43.56
N SER F 199 18.45 11.29 -43.55
CA SER F 199 18.65 9.96 -43.03
C SER F 199 18.46 8.93 -44.13
N SER F 200 18.86 7.69 -43.83
CA SER F 200 18.66 6.56 -44.73
C SER F 200 17.40 5.78 -44.37
N LYS F 201 17.32 5.30 -43.14
CA LYS F 201 16.11 4.68 -42.62
C LYS F 201 15.25 5.74 -41.93
N SER F 202 13.95 5.51 -41.90
CA SER F 202 13.05 6.43 -41.22
C SER F 202 13.25 6.31 -39.73
N LEU F 203 13.43 7.45 -39.07
CA LEU F 203 13.75 7.49 -37.64
C LEU F 203 12.53 7.54 -36.74
N LEU F 204 11.33 7.68 -37.31
CA LEU F 204 10.11 7.70 -36.51
C LEU F 204 9.75 6.29 -36.07
N HIS F 205 9.98 5.97 -34.81
CA HIS F 205 9.59 4.69 -34.27
C HIS F 205 8.08 4.63 -34.05
N SER F 206 7.57 3.43 -33.81
CA SER F 206 6.13 3.25 -33.64
C SER F 206 5.60 3.85 -32.35
N ASN F 207 6.48 4.24 -31.43
CA ASN F 207 6.04 4.80 -30.15
C ASN F 207 5.88 6.32 -30.18
N GLY F 208 6.04 6.94 -31.35
CA GLY F 208 5.81 8.35 -31.52
C GLY F 208 7.06 9.20 -31.56
N ASN F 209 8.18 8.68 -31.08
CA ASN F 209 9.40 9.47 -31.04
C ASN F 209 10.13 9.42 -32.37
N THR F 210 10.99 10.42 -32.60
CA THR F 210 11.71 10.53 -33.85
C THR F 210 13.20 10.25 -33.72
N TYR F 211 13.79 10.45 -32.54
CA TYR F 211 15.15 10.01 -32.25
C TYR F 211 16.18 10.68 -33.14
N LEU F 212 16.18 12.01 -33.13
CA LEU F 212 17.22 12.82 -33.77
C LEU F 212 17.78 13.80 -32.75
N TYR F 213 19.09 14.01 -32.79
CA TYR F 213 19.74 14.91 -31.86
C TYR F 213 20.58 15.92 -32.62
N TRP F 214 20.58 17.16 -32.14
CA TRP F 214 21.36 18.25 -32.72
C TRP F 214 22.41 18.70 -31.72
N PHE F 215 23.65 18.83 -32.18
CA PHE F 215 24.77 19.21 -31.34
C PHE F 215 25.48 20.43 -31.93
N LEU F 216 26.06 21.23 -31.05
CA LEU F 216 26.84 22.40 -31.45
C LEU F 216 28.23 22.26 -30.89
N GLN F 217 29.23 22.61 -31.68
CA GLN F 217 30.62 22.59 -31.26
C GLN F 217 31.26 23.93 -31.61
N ARG F 218 31.56 24.73 -30.58
CA ARG F 218 32.28 25.97 -30.77
C ARG F 218 33.67 25.69 -31.33
N PRO F 219 34.37 26.73 -31.79
CA PRO F 219 35.70 26.50 -32.38
C PRO F 219 36.67 25.74 -31.50
N GLY F 220 36.65 25.94 -30.19
CA GLY F 220 37.63 25.28 -29.35
C GLY F 220 37.10 24.62 -28.10
N GLN F 221 35.81 24.29 -28.10
CA GLN F 221 35.17 23.66 -26.94
C GLN F 221 34.61 22.30 -27.34
N SER F 222 34.00 21.65 -26.37
CA SER F 222 33.35 20.36 -26.49
C SER F 222 31.91 20.53 -26.97
N PRO F 223 31.37 19.53 -27.66
CA PRO F 223 30.01 19.66 -28.18
C PRO F 223 28.98 19.86 -27.09
N GLN F 224 27.92 20.58 -27.43
CA GLN F 224 26.83 20.88 -26.52
C GLN F 224 25.52 20.46 -27.15
N LEU F 225 24.59 19.99 -26.34
CA LEU F 225 23.30 19.56 -26.85
C LEU F 225 22.41 20.76 -27.13
N LEU F 226 21.69 20.71 -28.24
CA LEU F 226 20.70 21.73 -28.57
C LEU F 226 19.29 21.17 -28.59
N ILE F 227 19.04 20.13 -29.37
CA ILE F 227 17.71 19.58 -29.57
C ILE F 227 17.77 18.07 -29.48
N TYR F 228 16.93 17.49 -28.64
CA TYR F 228 16.84 16.03 -28.52
C TYR F 228 15.47 15.57 -28.97
N ARG F 229 15.46 14.61 -29.89
CA ARG F 229 14.24 14.02 -30.46
C ARG F 229 13.48 15.03 -31.31
N MET F 230 14.24 15.84 -32.05
CA MET F 230 13.81 16.64 -33.21
C MET F 230 12.94 17.83 -32.84
N SER F 231 12.44 17.90 -31.62
CA SER F 231 11.60 19.03 -31.24
C SER F 231 11.89 19.58 -29.87
N ASN F 232 12.47 18.82 -28.95
CA ASN F 232 12.66 19.29 -27.59
C ASN F 232 13.93 20.12 -27.49
N LEU F 233 13.95 21.00 -26.51
CA LEU F 233 15.05 21.93 -26.33
C LEU F 233 15.80 21.58 -25.06
N ALA F 234 17.11 21.81 -25.07
CA ALA F 234 17.97 21.40 -23.97
C ALA F 234 17.69 22.26 -22.74
N SER F 235 18.44 22.02 -21.66
CA SER F 235 18.17 22.69 -20.40
C SER F 235 18.42 24.18 -20.50
N GLY F 236 19.66 24.57 -20.80
CA GLY F 236 20.04 25.97 -20.83
C GLY F 236 20.14 26.60 -22.20
N VAL F 237 19.78 25.89 -23.25
CA VAL F 237 19.91 26.45 -24.60
C VAL F 237 18.83 27.52 -24.80
N PRO F 238 19.16 28.66 -25.40
CA PRO F 238 18.15 29.70 -25.62
C PRO F 238 17.00 29.22 -26.49
N ASP F 239 15.92 30.00 -26.46
CA ASP F 239 14.72 29.67 -27.22
C ASP F 239 14.86 30.00 -28.70
N ARG F 240 15.99 30.58 -29.12
CA ARG F 240 16.21 30.87 -30.52
C ARG F 240 16.26 29.59 -31.35
N PHE F 241 16.90 28.55 -30.81
CA PHE F 241 17.04 27.30 -31.54
C PHE F 241 15.73 26.51 -31.50
N SER F 242 15.26 26.09 -32.67
CA SER F 242 14.10 25.22 -32.78
C SER F 242 14.29 24.31 -33.98
N GLY F 243 13.69 23.13 -33.91
CA GLY F 243 13.90 22.13 -34.94
C GLY F 243 12.62 21.39 -35.27
N SER F 244 12.58 20.85 -36.49
CA SER F 244 11.42 20.14 -36.98
C SER F 244 11.86 19.22 -38.10
N GLY F 245 11.00 18.26 -38.42
CA GLY F 245 11.31 17.31 -39.48
C GLY F 245 10.11 16.42 -39.74
N SER F 246 10.28 15.55 -40.73
CA SER F 246 9.21 14.68 -41.19
C SER F 246 9.44 13.21 -40.89
N GLY F 247 10.68 12.77 -40.81
CA GLY F 247 10.97 11.37 -40.57
C GLY F 247 12.19 10.88 -41.33
N THR F 248 12.54 11.60 -42.40
CA THR F 248 13.77 11.32 -43.12
C THR F 248 14.56 12.61 -43.35
N ALA F 249 13.84 13.73 -43.48
CA ALA F 249 14.44 15.04 -43.67
C ALA F 249 14.21 15.89 -42.43
N PHE F 250 15.24 16.63 -42.03
CA PHE F 250 15.20 17.39 -40.78
C PHE F 250 15.82 18.76 -41.00
N THR F 251 15.40 19.72 -40.17
CA THR F 251 15.87 21.09 -40.26
C THR F 251 16.03 21.69 -38.88
N LEU F 252 17.13 22.40 -38.68
CA LEU F 252 17.38 23.18 -37.48
C LEU F 252 17.42 24.65 -37.86
N THR F 253 16.64 25.47 -37.16
CA THR F 253 16.52 26.88 -37.47
C THR F 253 16.98 27.73 -36.30
N ILE F 254 17.81 28.73 -36.58
CA ILE F 254 18.21 29.73 -35.60
C ILE F 254 17.38 30.98 -35.87
N SER F 255 16.67 31.48 -34.86
CA SER F 255 15.78 32.61 -35.07
C SER F 255 16.56 33.90 -35.31
N ARG F 256 17.57 34.18 -34.49
CA ARG F 256 18.32 35.42 -34.59
C ARG F 256 19.77 35.11 -34.21
N LEU F 257 20.63 34.99 -35.22
CA LEU F 257 22.00 34.56 -35.00
C LEU F 257 22.74 35.56 -34.11
N GLU F 258 23.61 35.04 -33.26
CA GLU F 258 24.49 35.84 -32.41
C GLU F 258 25.94 35.45 -32.67
N ALA F 259 26.84 36.10 -31.95
CA ALA F 259 28.27 35.86 -32.15
C ALA F 259 28.69 34.52 -31.55
N GLU F 260 28.12 34.14 -30.42
CA GLU F 260 28.47 32.90 -29.74
C GLU F 260 27.74 31.69 -30.31
N ASP F 261 27.19 31.79 -31.51
CA ASP F 261 26.48 30.69 -32.15
C ASP F 261 27.18 30.18 -33.40
N VAL F 262 28.47 30.46 -33.55
CA VAL F 262 29.22 29.93 -34.68
C VAL F 262 29.92 28.65 -34.26
N GLY F 263 30.26 27.84 -35.25
CA GLY F 263 30.88 26.56 -34.99
C GLY F 263 30.41 25.55 -36.02
N VAL F 264 30.33 24.30 -35.59
CA VAL F 264 29.88 23.19 -36.44
C VAL F 264 28.72 22.49 -35.77
N TYR F 265 27.72 22.14 -36.57
CA TYR F 265 26.48 21.53 -36.11
C TYR F 265 26.42 20.09 -36.58
N TYR F 266 25.99 19.19 -35.70
CA TYR F 266 25.97 17.77 -36.00
C TYR F 266 24.58 17.20 -35.76
N CYS F 267 24.21 16.22 -36.59
CA CYS F 267 22.94 15.50 -36.45
C CYS F 267 23.24 14.04 -36.12
N MET F 268 22.59 13.53 -35.09
CA MET F 268 22.85 12.19 -34.57
C MET F 268 21.55 11.41 -34.48
N GLN F 269 21.62 10.12 -34.80
CA GLN F 269 20.49 9.22 -34.63
C GLN F 269 20.69 8.33 -33.42
N HIS F 270 19.60 8.08 -32.72
CA HIS F 270 19.62 7.16 -31.58
C HIS F 270 18.55 6.08 -31.75
N LEU F 271 18.15 5.80 -32.99
CA LEU F 271 17.10 4.82 -33.24
C LEU F 271 17.59 3.41 -32.97
N GLU F 272 18.78 3.08 -33.45
CA GLU F 272 19.37 1.76 -33.21
C GLU F 272 20.88 1.88 -33.24
N TYR F 273 21.54 1.04 -32.47
CA TYR F 273 22.99 1.03 -32.44
C TYR F 273 23.53 0.39 -33.72
N PRO F 274 24.69 0.86 -34.21
CA PRO F 274 25.52 1.92 -33.65
C PRO F 274 25.01 3.32 -33.94
N LEU F 275 25.47 4.29 -33.15
CA LEU F 275 25.08 5.68 -33.36
C LEU F 275 25.97 6.30 -34.44
N THR F 276 25.35 7.00 -35.37
CA THR F 276 26.05 7.58 -36.51
C THR F 276 25.76 9.07 -36.57
N PHE F 277 26.81 9.87 -36.75
CA PHE F 277 26.70 11.31 -36.86
C PHE F 277 26.70 11.72 -38.32
N GLY F 278 26.67 13.03 -38.55
CA GLY F 278 26.86 13.58 -39.88
C GLY F 278 28.26 14.14 -40.06
N ALA F 279 28.49 14.71 -41.24
CA ALA F 279 29.78 15.32 -41.52
C ALA F 279 29.95 16.67 -40.84
N GLY F 280 28.86 17.33 -40.46
CA GLY F 280 28.94 18.63 -39.83
C GLY F 280 28.75 19.77 -40.79
N THR F 281 28.08 20.82 -40.35
CA THR F 281 27.90 22.05 -41.11
C THR F 281 28.63 23.17 -40.40
N LYS F 282 29.53 23.85 -41.11
CA LYS F 282 30.28 24.95 -40.54
C LYS F 282 29.58 26.28 -40.85
N LEU F 283 29.42 27.09 -39.82
CA LEU F 283 28.84 28.42 -39.96
C LEU F 283 29.94 29.45 -39.73
N GLU F 284 30.42 30.06 -40.81
CA GLU F 284 31.49 31.04 -40.74
C GLU F 284 30.88 32.44 -40.84
N LEU F 285 31.43 33.36 -40.06
CA LEU F 285 30.87 34.71 -39.96
C LEU F 285 31.52 35.66 -40.95
#